data_4FN6
#
_entry.id   4FN6
#
_cell.length_a   103.276
_cell.length_b   104.061
_cell.length_c   109.451
_cell.angle_alpha   90.00
_cell.angle_beta   90.00
_cell.angle_gamma   90.00
#
_symmetry.space_group_name_H-M   'P 21 21 21'
#
loop_
_entity.id
_entity.type
_entity.pdbx_description
1 polymer thiaminase-2
2 non-polymer 'ACETATE ION'
3 non-polymer GLYCEROL
4 water water
#
_entity_poly.entity_id   1
_entity_poly.type   'polypeptide(L)'
_entity_poly.pdbx_seq_one_letter_code
;MEFSQKLYQAAKPIINDIYEDDFIQKMLLGNIQADALRHYLQADAAYLKEFTNLYALLIPKMNSMNDVKFLVEQIEFMVE
GEVLAHDILAQIVGESYEEIIKTKVWPPSGDHYIKHMYFQAHSRENAIYTIAAMAP(CME)PYIYAELAKRSQSDHKLNR
EKDTAKWFDFYSTEMDDIINVFESLMNKLAESMSDKELEQVKQVFLESCIHERRFFNMAMTLEQWEFGGKVND
;
_entity_poly.pdbx_strand_id   A,B,C,D
#
loop_
_chem_comp.id
_chem_comp.type
_chem_comp.name
_chem_comp.formula
ACT non-polymer 'ACETATE ION' 'C2 H3 O2 -1'
GOL non-polymer GLYCEROL 'C3 H8 O3'
#
# COMPACT_ATOMS: atom_id res chain seq x y z
N MET A 1 34.15 4.50 -6.78
CA MET A 1 34.03 4.74 -5.34
C MET A 1 32.72 4.12 -4.85
N GLU A 2 32.57 3.98 -3.54
CA GLU A 2 31.34 3.40 -3.00
C GLU A 2 30.13 4.29 -3.36
N PHE A 3 28.97 3.65 -3.45
CA PHE A 3 27.78 4.31 -3.95
C PHE A 3 27.41 5.59 -3.18
N SER A 4 27.47 5.56 -1.85
CA SER A 4 27.07 6.71 -1.05
C SER A 4 27.96 7.92 -1.30
N GLN A 5 29.23 7.69 -1.64
CA GLN A 5 30.13 8.79 -1.94
C GLN A 5 29.80 9.45 -3.27
N LYS A 6 29.19 8.69 -4.18
CA LYS A 6 28.80 9.27 -5.45
C LYS A 6 27.68 10.24 -5.17
N LEU A 7 26.80 9.80 -4.26
CA LEU A 7 25.74 10.64 -3.75
C LEU A 7 26.29 11.88 -3.03
N TYR A 8 27.24 11.69 -2.12
CA TYR A 8 27.75 12.82 -1.35
C TYR A 8 28.38 13.87 -2.27
N GLN A 9 29.11 13.41 -3.27
CA GLN A 9 29.79 14.29 -4.22
C GLN A 9 28.83 15.10 -5.08
N ALA A 10 27.67 14.53 -5.40
CA ALA A 10 26.68 15.22 -6.21
C ALA A 10 25.91 16.25 -5.40
N ALA A 11 25.84 16.02 -4.10
CA ALA A 11 25.10 16.88 -3.18
C ALA A 11 25.80 18.23 -2.94
N LYS A 12 27.11 18.24 -3.14
CA LYS A 12 27.98 19.40 -2.84
C LYS A 12 27.49 20.77 -3.32
N PRO A 13 27.07 20.90 -4.60
CA PRO A 13 26.69 22.24 -5.02
C PRO A 13 25.40 22.70 -4.35
N ILE A 14 24.56 21.73 -3.98
CA ILE A 14 23.29 22.01 -3.28
C ILE A 14 23.54 22.32 -1.80
N ILE A 15 24.44 21.58 -1.17
CA ILE A 15 24.87 21.92 0.18
C ILE A 15 25.48 23.33 0.24
N ASN A 16 26.39 23.65 -0.68
CA ASN A 16 26.97 24.98 -0.73
C ASN A 16 25.95 26.10 -0.85
N ASP A 17 24.91 25.91 -1.67
CA ASP A 17 23.84 26.90 -1.77
C ASP A 17 23.08 27.05 -0.45
N ILE A 18 22.86 25.93 0.23
CA ILE A 18 22.13 25.94 1.49
C ILE A 18 22.92 26.71 2.53
N TYR A 19 24.24 26.50 2.52
CA TYR A 19 25.14 27.20 3.41
C TYR A 19 25.04 28.70 3.14
N GLU A 20 24.96 29.06 1.86
CA GLU A 20 24.99 30.47 1.52
C GLU A 20 23.63 31.20 1.64
N ASP A 21 22.55 30.42 1.71
CA ASP A 21 21.18 30.92 1.85
C ASP A 21 20.98 31.62 3.18
N ASP A 22 19.90 32.38 3.30
CA ASP A 22 19.70 33.25 4.47
C ASP A 22 19.66 32.59 5.84
N PHE A 23 19.05 31.41 5.93
CA PHE A 23 18.85 30.77 7.22
C PHE A 23 20.19 30.45 7.90
N ILE A 24 21.03 29.70 7.20
CA ILE A 24 22.30 29.26 7.76
C ILE A 24 23.22 30.46 8.01
N GLN A 25 23.28 31.36 7.05
CA GLN A 25 24.04 32.60 7.22
C GLN A 25 23.57 33.36 8.46
N LYS A 26 22.27 33.58 8.59
CA LYS A 26 21.76 34.29 9.78
C LYS A 26 21.93 33.47 11.07
N MET A 27 21.92 32.15 10.92
CA MET A 27 22.26 31.25 12.03
C MET A 27 23.73 31.46 12.41
N LEU A 28 24.60 31.54 11.40
CA LEU A 28 26.01 31.83 11.59
C LEU A 28 26.28 33.08 12.40
N LEU A 29 25.70 34.20 11.95
CA LEU A 29 25.99 35.50 12.56
C LEU A 29 25.27 35.64 13.89
N GLY A 30 24.15 34.93 14.04
CA GLY A 30 23.36 35.00 15.26
C GLY A 30 22.23 36.03 15.23
N ASN A 31 22.03 36.65 14.08
CA ASN A 31 21.01 37.69 13.95
C ASN A 31 19.65 37.16 13.46
N ILE A 32 19.55 35.86 13.25
CA ILE A 32 18.27 35.23 12.89
C ILE A 32 17.24 35.51 13.99
N GLN A 33 16.01 35.86 13.61
CA GLN A 33 15.04 36.29 14.62
C GLN A 33 13.96 35.27 14.94
N ALA A 34 13.13 35.61 15.93
CA ALA A 34 12.19 34.65 16.49
C ALA A 34 11.17 34.19 15.45
N ASP A 35 10.76 35.09 14.55
CA ASP A 35 9.74 34.77 13.56
C ASP A 35 10.06 33.48 12.79
N ALA A 36 11.24 33.45 12.17
CA ALA A 36 11.63 32.32 11.33
C ALA A 36 11.96 31.05 12.14
N LEU A 37 12.57 31.24 13.31
CA LEU A 37 12.90 30.15 14.20
C LEU A 37 11.63 29.43 14.65
N ARG A 38 10.65 30.21 15.09
CA ARG A 38 9.34 29.72 15.51
C ARG A 38 8.67 28.90 14.40
N HIS A 39 8.74 29.41 13.17
CA HIS A 39 8.12 28.77 12.03
C HIS A 39 8.83 27.47 11.66
N TYR A 40 10.16 27.47 11.79
CA TYR A 40 10.99 26.27 11.64
C TYR A 40 10.62 25.21 12.69
N LEU A 41 10.58 25.63 13.95
CA LEU A 41 10.21 24.74 15.04
C LEU A 41 8.80 24.19 14.83
N GLN A 42 7.86 25.05 14.46
CA GLN A 42 6.49 24.59 14.28
C GLN A 42 6.36 23.54 13.15
N ALA A 43 6.85 23.85 11.95
CA ALA A 43 6.83 22.90 10.84
C ALA A 43 7.49 21.58 11.23
N ASP A 44 8.70 21.66 11.76
CA ASP A 44 9.46 20.50 12.23
C ASP A 44 8.72 19.58 13.22
N ALA A 45 8.10 20.16 14.25
CA ALA A 45 7.28 19.38 15.16
C ALA A 45 6.08 18.76 14.45
N ALA A 46 5.54 19.47 13.47
CA ALA A 46 4.29 19.07 12.86
C ALA A 46 4.51 17.83 12.02
N TYR A 47 5.73 17.65 11.54
CA TYR A 47 6.11 16.58 10.69
CA TYR A 47 6.03 16.48 10.72
C TYR A 47 6.77 15.37 11.45
N LEU A 48 6.99 15.59 12.74
CA LEU A 48 7.62 14.55 13.60
C LEU A 48 6.99 13.20 13.33
N LYS A 49 5.70 13.11 13.67
CA LYS A 49 4.92 11.88 13.58
C LYS A 49 5.15 11.18 12.22
N GLU A 50 5.18 11.99 11.15
CA GLU A 50 5.36 11.47 9.80
C GLU A 50 6.75 10.87 9.57
N PHE A 51 7.78 11.56 10.04
CA PHE A 51 9.14 11.05 9.95
C PHE A 51 9.28 9.82 10.83
N THR A 52 8.46 9.78 11.88
CA THR A 52 8.40 8.61 12.75
C THR A 52 7.77 7.41 12.04
N ASN A 53 6.60 7.64 11.43
CA ASN A 53 5.96 6.62 10.60
C ASN A 53 6.89 5.99 9.55
N LEU A 54 7.71 6.83 8.89
CA LEU A 54 8.60 6.34 7.85
C LEU A 54 9.59 5.29 8.35
N TYR A 55 10.13 5.47 9.55
CA TYR A 55 11.05 4.49 10.11
C TYR A 55 10.34 3.16 10.22
N ALA A 56 9.10 3.19 10.71
CA ALA A 56 8.27 2.02 10.84
C ALA A 56 8.07 1.29 9.52
N LEU A 57 7.85 2.04 8.45
N LEU A 57 7.86 2.05 8.46
CA LEU A 57 7.61 1.43 7.15
CA LEU A 57 7.61 1.46 7.15
C LEU A 57 8.87 0.89 6.50
C LEU A 57 8.87 0.88 6.52
N LEU A 58 10.02 1.23 7.08
CA LEU A 58 11.27 0.65 6.62
C LEU A 58 11.41 -0.74 7.19
N ILE A 59 10.74 -1.02 8.31
CA ILE A 59 10.88 -2.34 8.93
C ILE A 59 10.51 -3.51 8.01
N PRO A 60 9.27 -3.53 7.48
CA PRO A 60 8.93 -4.65 6.61
C PRO A 60 9.84 -4.78 5.38
N LYS A 61 10.50 -3.71 4.98
CA LYS A 61 11.42 -3.80 3.85
C LYS A 61 12.84 -4.24 4.29
N MET A 62 13.04 -4.46 5.58
CA MET A 62 14.35 -4.85 6.11
C MET A 62 14.59 -6.34 5.99
N ASN A 63 15.84 -6.72 5.72
CA ASN A 63 16.21 -8.14 5.62
C ASN A 63 16.64 -8.72 6.97
N SER A 64 17.75 -8.24 7.54
CA SER A 64 18.21 -8.74 8.83
C SER A 64 17.50 -8.06 10.03
N MET A 65 17.77 -8.55 11.24
CA MET A 65 17.09 -8.03 12.44
C MET A 65 17.90 -6.92 13.14
N ASN A 66 19.15 -6.73 12.70
CA ASN A 66 19.99 -5.67 13.25
C ASN A 66 19.64 -4.33 12.65
N ASP A 67 19.18 -4.38 11.41
CA ASP A 67 18.67 -3.19 10.75
C ASP A 67 17.35 -2.79 11.41
N VAL A 68 16.55 -3.78 11.80
CA VAL A 68 15.31 -3.55 12.55
C VAL A 68 15.55 -2.99 13.96
N LYS A 69 16.58 -3.49 14.64
CA LYS A 69 16.91 -3.05 15.99
C LYS A 69 17.27 -1.56 15.98
N PHE A 70 17.94 -1.14 14.90
CA PHE A 70 18.25 0.27 14.68
C PHE A 70 17.00 1.13 14.46
N LEU A 71 16.16 0.70 13.53
CA LEU A 71 14.91 1.40 13.23
C LEU A 71 14.08 1.58 14.49
N VAL A 72 13.86 0.49 15.22
CA VAL A 72 13.17 0.54 16.51
C VAL A 72 13.79 1.59 17.43
N GLU A 73 15.12 1.57 17.55
CA GLU A 73 15.85 2.58 18.32
C GLU A 73 15.51 4.01 17.88
N GLN A 74 15.37 4.24 16.59
CA GLN A 74 15.03 5.57 16.09
C GLN A 74 13.65 6.04 16.55
N ILE A 75 12.65 5.20 16.34
CA ILE A 75 11.29 5.44 16.83
C ILE A 75 11.24 5.58 18.36
N GLU A 76 12.12 4.85 19.03
CA GLU A 76 12.20 4.85 20.48
C GLU A 76 12.69 6.23 20.91
N PHE A 77 13.59 6.82 20.12
CA PHE A 77 14.16 8.11 20.46
C PHE A 77 13.19 9.26 20.19
N MET A 78 12.33 9.10 19.18
CA MET A 78 11.35 10.14 18.83
C MET A 78 10.15 10.15 19.78
N VAL A 79 9.81 8.98 20.31
CA VAL A 79 8.76 8.84 21.31
C VAL A 79 9.15 9.53 22.65
N GLU A 80 10.41 9.37 23.02
CA GLU A 80 10.92 9.83 24.32
C GLU A 80 11.12 11.36 24.43
N GLY A 81 10.94 12.09 23.32
CA GLY A 81 11.20 13.52 23.30
C GLY A 81 12.70 13.78 23.34
N GLU A 82 13.15 14.66 24.22
CA GLU A 82 14.58 15.03 24.29
C GLU A 82 15.08 15.57 22.94
N VAL A 83 14.69 16.81 22.62
CA VAL A 83 15.22 17.46 21.44
C VAL A 83 16.15 18.60 21.88
N LEU A 84 17.45 18.40 21.75
CA LEU A 84 18.44 19.32 22.32
C LEU A 84 18.58 20.58 21.47
N ALA A 85 18.64 20.37 20.16
CA ALA A 85 18.76 21.46 19.20
C ALA A 85 17.51 22.34 19.28
N HIS A 86 16.35 21.70 19.36
CA HIS A 86 15.09 22.42 19.44
C HIS A 86 14.98 23.31 20.68
N ASP A 87 15.47 22.82 21.82
CA ASP A 87 15.47 23.61 23.05
C ASP A 87 16.42 24.82 22.94
N ILE A 88 17.52 24.65 22.19
CA ILE A 88 18.45 25.76 21.96
C ILE A 88 17.75 26.86 21.18
N LEU A 89 17.04 26.46 20.13
CA LEU A 89 16.23 27.38 19.34
C LEU A 89 15.12 28.06 20.19
N ALA A 90 14.42 27.30 21.01
CA ALA A 90 13.33 27.85 21.81
C ALA A 90 13.81 28.95 22.79
N GLN A 91 15.03 28.78 23.29
CA GLN A 91 15.63 29.75 24.19
C GLN A 91 15.74 31.11 23.50
N ILE A 92 16.12 31.07 22.23
CA ILE A 92 16.28 32.28 21.43
C ILE A 92 14.94 32.95 21.11
N VAL A 93 13.89 32.17 20.82
CA VAL A 93 12.60 32.83 20.64
C VAL A 93 12.08 33.36 22.00
N GLY A 94 12.76 32.96 23.08
CA GLY A 94 12.44 33.43 24.41
C GLY A 94 11.26 32.71 25.04
N GLU A 95 10.90 31.55 24.51
CA GLU A 95 9.78 30.75 25.04
C GLU A 95 10.17 29.29 25.26
N SER A 96 9.20 28.46 25.65
CA SER A 96 9.39 27.01 25.79
C SER A 96 8.94 26.26 24.52
N TYR A 97 9.66 25.18 24.22
CA TYR A 97 9.36 24.34 23.07
C TYR A 97 7.89 23.91 23.01
N GLU A 98 7.38 23.42 24.14
CA GLU A 98 6.02 22.90 24.21
C GLU A 98 5.00 23.97 23.89
N GLU A 99 5.30 25.21 24.28
CA GLU A 99 4.43 26.36 23.94
C GLU A 99 4.45 26.66 22.44
N ILE A 100 5.64 26.78 21.87
CA ILE A 100 5.78 27.05 20.44
C ILE A 100 5.08 26.04 19.55
N ILE A 101 5.15 24.76 19.90
CA ILE A 101 4.65 23.73 19.00
C ILE A 101 3.18 23.39 19.26
N LYS A 102 2.60 24.01 20.29
CA LYS A 102 1.16 23.97 20.56
C LYS A 102 0.41 24.40 19.31
N THR A 103 0.95 25.40 18.61
CA THR A 103 0.49 25.77 17.26
C THR A 103 1.42 25.12 16.25
N LYS A 104 0.83 24.37 15.30
CA LYS A 104 1.60 23.69 14.25
C LYS A 104 1.20 24.23 12.89
N VAL A 105 2.09 24.05 11.91
CA VAL A 105 1.88 24.50 10.55
C VAL A 105 2.47 23.47 9.58
N TRP A 106 1.77 23.21 8.48
CA TRP A 106 2.23 22.25 7.49
C TRP A 106 2.41 22.92 6.13
N PRO A 107 3.48 23.71 5.97
CA PRO A 107 3.66 24.55 4.77
C PRO A 107 3.89 23.72 3.50
N PRO A 108 3.70 24.32 2.31
CA PRO A 108 3.87 23.65 1.02
C PRO A 108 5.22 22.96 0.84
N SER A 109 6.31 23.64 1.18
CA SER A 109 7.66 23.07 1.07
C SER A 109 7.77 21.82 1.92
N GLY A 110 7.24 21.87 3.13
CA GLY A 110 7.24 20.72 4.00
C GLY A 110 6.40 19.58 3.44
N ASP A 111 5.18 19.94 3.04
CA ASP A 111 4.27 19.00 2.42
C ASP A 111 4.85 18.22 1.23
N HIS A 112 5.61 18.91 0.38
CA HIS A 112 6.20 18.32 -0.80
C HIS A 112 7.27 17.30 -0.37
N TYR A 113 8.17 17.71 0.53
CA TYR A 113 9.20 16.84 1.07
C TYR A 113 8.60 15.57 1.67
N ILE A 114 7.64 15.74 2.58
CA ILE A 114 6.98 14.60 3.22
C ILE A 114 6.38 13.64 2.19
N LYS A 115 5.69 14.21 1.23
CA LYS A 115 5.05 13.41 0.22
C LYS A 115 6.07 12.75 -0.71
N HIS A 116 7.24 13.32 -0.82
CA HIS A 116 8.34 12.69 -1.54
C HIS A 116 8.83 11.42 -0.81
N MET A 117 8.97 11.50 0.52
CA MET A 117 9.49 10.35 1.24
C MET A 117 8.45 9.23 1.25
N TYR A 118 7.21 9.59 1.56
CA TYR A 118 6.09 8.65 1.55
C TYR A 118 5.85 7.98 0.19
N PHE A 119 6.03 8.72 -0.92
CA PHE A 119 5.83 8.09 -2.22
C PHE A 119 6.78 6.90 -2.32
N GLN A 120 8.03 7.13 -1.92
CA GLN A 120 9.03 6.06 -1.94
C GLN A 120 8.58 4.89 -1.05
N ALA A 121 8.09 5.21 0.15
CA ALA A 121 7.67 4.22 1.13
C ALA A 121 6.42 3.40 0.73
N HIS A 122 5.47 4.05 0.07
CA HIS A 122 4.27 3.37 -0.43
C HIS A 122 4.47 2.61 -1.73
N SER A 123 5.12 3.24 -2.72
CA SER A 123 5.27 2.58 -4.02
C SER A 123 6.56 1.78 -4.35
N ARG A 124 7.62 1.92 -3.55
CA ARG A 124 8.86 1.24 -3.92
C ARG A 124 9.26 0.13 -2.96
N GLU A 125 9.17 -1.11 -3.46
CA GLU A 125 9.51 -2.30 -2.69
C GLU A 125 10.90 -2.22 -2.04
N ASN A 126 11.91 -1.93 -2.86
CA ASN A 126 13.27 -1.87 -2.34
C ASN A 126 13.52 -0.72 -1.33
N ALA A 127 14.06 -1.08 -0.17
CA ALA A 127 14.31 -0.13 0.92
C ALA A 127 15.14 1.08 0.49
N ILE A 128 16.02 0.90 -0.49
CA ILE A 128 17.00 1.93 -0.84
C ILE A 128 16.36 3.24 -1.30
N TYR A 129 15.13 3.17 -1.83
CA TYR A 129 14.48 4.39 -2.30
C TYR A 129 14.10 5.28 -1.13
N THR A 130 13.52 4.65 -0.09
CA THR A 130 13.08 5.37 1.11
C THR A 130 14.24 5.91 1.93
N ILE A 131 15.30 5.11 2.08
CA ILE A 131 16.48 5.52 2.82
C ILE A 131 17.19 6.67 2.09
N ALA A 132 17.25 6.61 0.77
CA ALA A 132 17.88 7.65 -0.02
C ALA A 132 17.09 8.92 0.10
N ALA A 133 15.80 8.80 0.36
CA ALA A 133 14.93 9.98 0.49
C ALA A 133 15.12 10.59 1.86
N MET A 134 15.42 9.73 2.84
CA MET A 134 15.70 10.18 4.20
C MET A 134 17.15 10.50 4.53
N ALA A 135 18.07 10.01 3.72
CA ALA A 135 19.50 10.19 4.00
C ALA A 135 20.02 11.63 3.96
N PRO A 136 19.52 12.46 3.05
CA PRO A 136 20.02 13.83 2.93
C PRO A 136 19.86 14.68 4.19
N CME A 137 18.83 14.39 4.99
CA CME A 137 18.53 15.22 6.19
CB CME A 137 17.21 14.76 6.79
SG CME A 137 17.14 15.00 8.53
SD CME A 137 17.04 16.92 9.01
CE CME A 137 17.95 16.99 10.52
CZ CME A 137 17.02 16.80 11.71
OH CME A 137 17.43 15.64 12.44
C CME A 137 19.64 15.28 7.20
O CME A 137 20.18 16.39 7.44
N PRO A 138 20.02 14.16 7.79
CA PRO A 138 21.10 14.14 8.79
C PRO A 138 22.43 14.54 8.17
N TYR A 139 22.72 13.96 7.02
CA TYR A 139 23.96 14.23 6.30
C TYR A 139 24.16 15.73 6.04
N ILE A 140 23.18 16.37 5.41
CA ILE A 140 23.29 17.80 5.13
C ILE A 140 23.59 18.60 6.42
N TYR A 141 22.76 18.43 7.46
CA TYR A 141 22.99 19.09 8.74
C TYR A 141 24.43 18.89 9.28
N ALA A 142 24.93 17.66 9.22
CA ALA A 142 26.30 17.37 9.60
C ALA A 142 27.29 18.24 8.82
N GLU A 143 27.22 18.16 7.49
CA GLU A 143 28.13 18.88 6.63
C GLU A 143 28.07 20.38 6.89
N LEU A 144 26.85 20.91 6.99
CA LEU A 144 26.64 22.32 7.28
C LEU A 144 27.37 22.73 8.54
N ALA A 145 27.16 21.95 9.61
CA ALA A 145 27.70 22.30 10.92
C ALA A 145 29.23 22.17 10.98
N LYS A 146 29.80 21.23 10.22
CA LYS A 146 31.24 21.08 10.22
C LYS A 146 31.90 22.26 9.49
N ARG A 147 31.22 22.79 8.49
CA ARG A 147 31.73 23.92 7.72
C ARG A 147 31.78 25.19 8.55
N SER A 148 30.86 25.29 9.51
CA SER A 148 30.75 26.47 10.38
C SER A 148 31.91 26.56 11.35
N GLN A 149 32.45 25.41 11.73
CA GLN A 149 33.58 25.39 12.67
C GLN A 149 34.83 26.08 12.08
N SER A 150 35.05 25.96 10.77
CA SER A 150 36.19 26.64 10.16
C SER A 150 35.84 28.03 9.65
N ASP A 151 34.59 28.43 9.82
CA ASP A 151 34.13 29.71 9.29
C ASP A 151 34.27 30.80 10.36
N HIS A 152 35.03 31.86 10.05
CA HIS A 152 35.31 32.86 11.07
C HIS A 152 34.15 33.83 11.31
N LYS A 153 33.11 33.76 10.47
CA LYS A 153 31.91 34.58 10.69
C LYS A 153 30.98 33.92 11.71
N LEU A 154 31.39 32.76 12.21
CA LEU A 154 30.55 32.06 13.18
C LEU A 154 30.58 32.82 14.48
N ASN A 155 29.40 33.18 14.97
CA ASN A 155 29.31 34.05 16.10
C ASN A 155 29.22 33.21 17.36
N ARG A 156 30.31 33.26 18.12
CA ARG A 156 30.53 32.36 19.25
C ARG A 156 29.88 32.95 20.51
N GLU A 157 29.45 34.21 20.42
CA GLU A 157 28.87 34.91 21.58
C GLU A 157 27.37 34.70 21.71
N LYS A 158 26.76 34.09 20.70
CA LYS A 158 25.32 33.82 20.73
C LYS A 158 25.09 32.33 20.70
N ASP A 159 24.00 31.88 21.34
CA ASP A 159 23.76 30.45 21.50
C ASP A 159 23.48 29.73 20.19
N THR A 160 23.29 30.47 19.11
CA THR A 160 23.16 29.88 17.79
C THR A 160 24.36 28.98 17.45
N ALA A 161 25.50 29.21 18.07
CA ALA A 161 26.71 28.42 17.78
C ALA A 161 26.55 27.00 18.34
N LYS A 162 25.80 26.89 19.43
CA LYS A 162 25.50 25.60 20.06
C LYS A 162 24.62 24.71 19.16
N TRP A 163 23.83 25.36 18.30
CA TRP A 163 23.00 24.65 17.34
C TRP A 163 23.89 23.92 16.33
N PHE A 164 24.95 24.58 15.86
CA PHE A 164 25.90 23.96 14.94
C PHE A 164 26.76 22.91 15.65
N ASP A 165 27.16 23.22 16.88
CA ASP A 165 28.03 22.32 17.61
C ASP A 165 27.36 20.97 17.81
N PHE A 166 26.05 21.00 18.01
CA PHE A 166 25.28 19.78 18.17
C PHE A 166 25.30 18.95 16.87
N TYR A 167 24.92 19.56 15.75
CA TYR A 167 24.85 18.83 14.48
C TYR A 167 26.22 18.45 13.95
N SER A 168 27.26 19.07 14.49
CA SER A 168 28.61 18.69 14.05
C SER A 168 28.98 17.26 14.49
N THR A 169 28.31 16.74 15.52
CA THR A 169 28.61 15.42 16.09
C THR A 169 27.43 14.45 16.01
N GLU A 170 26.31 14.84 16.61
CA GLU A 170 25.19 13.96 16.92
C GLU A 170 24.46 13.30 15.74
N MET A 171 24.81 13.65 14.52
CA MET A 171 24.23 12.97 13.36
C MET A 171 25.05 11.82 12.79
N ASP A 172 26.29 11.66 13.26
CA ASP A 172 27.25 10.73 12.65
C ASP A 172 26.86 9.23 12.64
N ASP A 173 26.32 8.74 13.75
CA ASP A 173 25.98 7.33 13.82
C ASP A 173 24.98 6.98 12.74
N ILE A 174 23.89 7.72 12.70
CA ILE A 174 22.78 7.44 11.79
C ILE A 174 23.19 7.64 10.33
N ILE A 175 23.99 8.67 10.06
CA ILE A 175 24.59 8.82 8.72
C ILE A 175 25.30 7.52 8.34
N ASN A 176 26.16 7.02 9.23
CA ASN A 176 26.91 5.80 8.96
C ASN A 176 26.09 4.52 8.75
N VAL A 177 25.01 4.38 9.53
CA VAL A 177 24.09 3.27 9.32
C VAL A 177 23.47 3.35 7.93
N PHE A 178 22.91 4.50 7.59
CA PHE A 178 22.31 4.75 6.30
C PHE A 178 23.27 4.54 5.16
N GLU A 179 24.54 4.86 5.39
CA GLU A 179 25.60 4.73 4.39
C GLU A 179 25.86 3.23 4.10
N SER A 180 25.85 2.45 5.18
CA SER A 180 26.03 1.02 5.06
C SER A 180 24.85 0.34 4.39
N LEU A 181 23.63 0.71 4.77
CA LEU A 181 22.47 0.16 4.09
C LEU A 181 22.43 0.52 2.59
N MET A 182 22.85 1.73 2.24
CA MET A 182 22.74 2.13 0.85
C MET A 182 23.80 1.43 0.00
N ASN A 183 25.02 1.37 0.52
CA ASN A 183 26.08 0.64 -0.16
C ASN A 183 25.73 -0.82 -0.36
N LYS A 184 25.35 -1.48 0.73
CA LYS A 184 25.00 -2.89 0.68
C LYS A 184 23.91 -3.15 -0.35
N LEU A 185 22.81 -2.41 -0.26
CA LEU A 185 21.67 -2.61 -1.16
C LEU A 185 21.96 -2.25 -2.64
N ALA A 186 22.84 -1.27 -2.88
CA ALA A 186 23.17 -0.89 -4.25
C ALA A 186 23.90 -1.99 -5.05
N GLU A 187 24.63 -2.85 -4.35
CA GLU A 187 25.45 -3.88 -5.01
C GLU A 187 24.68 -4.72 -6.01
N SER A 188 23.44 -5.07 -5.67
CA SER A 188 22.64 -5.96 -6.50
C SER A 188 21.92 -5.23 -7.63
N MET A 189 22.16 -3.93 -7.78
CA MET A 189 21.31 -3.15 -8.64
C MET A 189 21.98 -2.70 -9.91
N SER A 190 21.17 -2.56 -10.95
CA SER A 190 21.66 -2.10 -12.24
C SER A 190 21.99 -0.61 -12.18
N ASP A 191 22.84 -0.15 -13.08
CA ASP A 191 23.23 1.25 -13.06
C ASP A 191 22.01 2.12 -13.30
N LYS A 192 21.07 1.59 -14.08
CA LYS A 192 19.86 2.34 -14.40
C LYS A 192 18.99 2.58 -13.15
N GLU A 193 18.83 1.56 -12.32
CA GLU A 193 18.14 1.71 -11.05
C GLU A 193 18.82 2.73 -10.15
N LEU A 194 20.15 2.73 -10.13
CA LEU A 194 20.91 3.63 -9.26
C LEU A 194 20.76 5.08 -9.66
N GLU A 195 20.60 5.33 -10.95
CA GLU A 195 20.36 6.69 -11.44
C GLU A 195 19.04 7.24 -10.84
N GLN A 196 18.09 6.36 -10.57
CA GLN A 196 16.81 6.77 -10.01
C GLN A 196 16.91 7.04 -8.51
N VAL A 197 17.69 6.20 -7.83
CA VAL A 197 17.98 6.37 -6.41
C VAL A 197 18.72 7.67 -6.15
N LYS A 198 19.71 7.97 -6.99
CA LYS A 198 20.44 9.21 -6.92
C LYS A 198 19.50 10.41 -7.12
N GLN A 199 18.50 10.24 -7.98
CA GLN A 199 17.53 11.29 -8.29
C GLN A 199 16.64 11.64 -7.04
N VAL A 200 16.19 10.57 -6.34
CA VAL A 200 15.52 10.67 -5.07
C VAL A 200 16.33 11.39 -3.98
N PHE A 201 17.58 10.97 -3.83
CA PHE A 201 18.49 11.55 -2.85
C PHE A 201 18.64 13.05 -3.15
N LEU A 202 18.94 13.38 -4.39
CA LEU A 202 19.17 14.80 -4.76
C LEU A 202 17.89 15.63 -4.63
N GLU A 203 16.76 15.02 -4.97
CA GLU A 203 15.47 15.66 -4.77
C GLU A 203 15.29 15.99 -3.29
N SER A 204 15.75 15.10 -2.41
CA SER A 204 15.65 15.35 -0.97
C SER A 204 16.59 16.46 -0.51
N CYS A 205 17.74 16.58 -1.15
CA CYS A 205 18.66 17.68 -0.88
C CYS A 205 18.03 19.03 -1.17
N ILE A 206 17.39 19.13 -2.33
CA ILE A 206 16.67 20.34 -2.70
C ILE A 206 15.58 20.66 -1.67
N HIS A 207 14.88 19.63 -1.22
CA HIS A 207 13.80 19.83 -0.26
C HIS A 207 14.34 20.44 1.01
N GLU A 208 15.47 19.94 1.47
CA GLU A 208 16.16 20.57 2.58
C GLU A 208 16.42 22.06 2.34
N ARG A 209 16.93 22.42 1.17
CA ARG A 209 17.10 23.84 0.86
C ARG A 209 15.79 24.61 0.99
N ARG A 210 14.70 24.04 0.49
CA ARG A 210 13.40 24.72 0.55
C ARG A 210 12.79 24.80 1.94
N PHE A 211 13.11 23.84 2.80
CA PHE A 211 12.58 23.78 4.16
C PHE A 211 13.13 24.94 4.97
N PHE A 212 14.43 25.17 4.84
CA PHE A 212 15.05 26.32 5.49
C PHE A 212 14.43 27.61 4.94
N ASN A 213 14.23 27.67 3.62
CA ASN A 213 13.69 28.84 2.94
C ASN A 213 12.27 29.18 3.35
N MET A 214 11.43 28.16 3.36
CA MET A 214 10.09 28.22 3.91
C MET A 214 10.08 28.80 5.32
N ALA A 215 11.08 28.49 6.14
CA ALA A 215 11.11 29.06 7.49
C ALA A 215 11.42 30.56 7.54
N MET A 216 12.37 31.01 6.72
CA MET A 216 12.73 32.43 6.61
C MET A 216 11.57 33.24 6.03
N THR A 217 10.85 32.64 5.09
CA THR A 217 9.80 33.34 4.39
C THR A 217 8.43 33.12 5.01
N LEU A 218 8.39 32.44 6.15
CA LEU A 218 7.12 32.20 6.87
C LEU A 218 6.07 31.61 5.95
N GLU A 219 6.48 30.60 5.18
CA GLU A 219 5.65 30.00 4.14
C GLU A 219 4.34 29.41 4.65
N GLN A 220 3.30 29.54 3.84
CA GLN A 220 1.99 28.94 4.10
C GLN A 220 1.18 28.77 2.80
N TRP A 221 0.13 27.94 2.84
CA TRP A 221 -0.76 27.76 1.71
C TRP A 221 -1.63 29.01 1.50
N GLU A 222 -1.57 29.65 0.34
CA GLU A 222 -2.35 30.88 0.27
C GLU A 222 -3.63 30.64 -0.49
N PHE A 223 -4.74 30.50 0.26
CA PHE A 223 -6.03 30.21 -0.35
C PHE A 223 -6.95 31.43 -0.52
N GLY A 224 -6.51 32.58 0.00
CA GLY A 224 -7.37 33.75 0.11
C GLY A 224 -7.06 34.82 -0.92
N GLY A 225 -5.99 34.60 -1.68
CA GLY A 225 -5.59 35.54 -2.71
C GLY A 225 -4.51 36.53 -2.31
N MET B 1 -25.52 24.45 1.31
CA MET B 1 -25.21 24.03 -0.07
C MET B 1 -24.58 22.64 -0.14
N GLU B 2 -24.61 22.06 -1.35
CA GLU B 2 -24.00 20.75 -1.57
C GLU B 2 -22.50 20.86 -1.28
N PHE B 3 -21.90 19.77 -0.84
CA PHE B 3 -20.55 19.86 -0.33
C PHE B 3 -19.58 20.35 -1.40
N SER B 4 -19.76 19.87 -2.63
CA SER B 4 -18.87 20.25 -3.70
C SER B 4 -19.05 21.73 -4.10
N GLN B 5 -20.21 22.32 -3.84
CA GLN B 5 -20.36 23.74 -4.09
C GLN B 5 -19.57 24.60 -3.09
N LYS B 6 -19.40 24.13 -1.87
CA LYS B 6 -18.53 24.80 -0.90
C LYS B 6 -17.08 24.75 -1.35
N LEU B 7 -16.72 23.65 -1.99
CA LEU B 7 -15.40 23.50 -2.58
C LEU B 7 -15.18 24.52 -3.71
N TYR B 8 -16.13 24.62 -4.65
CA TYR B 8 -16.05 25.63 -5.71
C TYR B 8 -15.90 27.04 -5.14
N GLN B 9 -16.68 27.35 -4.09
CA GLN B 9 -16.66 28.67 -3.44
C GLN B 9 -15.26 29.07 -3.00
N ALA B 10 -14.64 28.14 -2.26
CA ALA B 10 -13.29 28.32 -1.71
C ALA B 10 -12.25 28.50 -2.82
N ALA B 11 -12.53 27.89 -3.96
CA ALA B 11 -11.56 27.85 -5.04
C ALA B 11 -11.47 29.16 -5.81
N LYS B 12 -12.44 30.06 -5.62
CA LYS B 12 -12.52 31.29 -6.41
CA LYS B 12 -12.49 31.27 -6.42
C LYS B 12 -11.29 32.19 -6.28
N PRO B 13 -10.84 32.49 -5.05
CA PRO B 13 -9.66 33.36 -4.99
C PRO B 13 -8.45 32.80 -5.75
N ILE B 14 -8.29 31.47 -5.74
CA ILE B 14 -7.16 30.88 -6.45
C ILE B 14 -7.40 30.95 -7.95
N ILE B 15 -8.57 30.49 -8.38
CA ILE B 15 -8.91 30.54 -9.81
C ILE B 15 -8.72 31.95 -10.36
N ASN B 16 -9.02 32.95 -9.55
CA ASN B 16 -8.75 34.31 -9.96
C ASN B 16 -7.26 34.62 -10.20
N ASP B 17 -6.40 34.41 -9.19
CA ASP B 17 -4.94 34.58 -9.34
C ASP B 17 -4.37 33.86 -10.57
N ILE B 18 -4.88 32.65 -10.83
CA ILE B 18 -4.46 31.89 -11.99
C ILE B 18 -4.79 32.66 -13.27
N TYR B 19 -6.03 33.17 -13.34
CA TYR B 19 -6.51 33.89 -14.50
C TYR B 19 -5.63 35.11 -14.77
N GLU B 20 -5.27 35.82 -13.72
CA GLU B 20 -4.41 37.00 -13.80
C GLU B 20 -2.89 36.71 -13.92
N ASP B 21 -2.48 35.46 -13.75
CA ASP B 21 -1.07 35.09 -13.94
C ASP B 21 -0.70 35.04 -15.40
N ASP B 22 0.61 35.17 -15.64
CA ASP B 22 1.13 35.37 -16.98
C ASP B 22 0.71 34.32 -17.99
N PHE B 23 0.58 33.08 -17.57
CA PHE B 23 0.25 32.01 -18.50
C PHE B 23 -1.07 32.26 -19.25
N ILE B 24 -2.18 32.24 -18.52
CA ILE B 24 -3.50 32.49 -19.08
C ILE B 24 -3.60 33.87 -19.73
N GLN B 25 -3.09 34.88 -19.05
CA GLN B 25 -3.07 36.20 -19.64
C GLN B 25 -2.40 36.18 -21.02
N LYS B 26 -1.20 35.62 -21.10
CA LYS B 26 -0.50 35.58 -22.37
C LYS B 26 -1.16 34.60 -23.33
N MET B 27 -2.01 33.74 -22.78
CA MET B 27 -2.82 32.85 -23.58
C MET B 27 -4.00 33.64 -24.19
N LEU B 28 -4.56 34.58 -23.40
CA LEU B 28 -5.68 35.40 -23.83
C LEU B 28 -5.35 36.21 -25.07
N LEU B 29 -4.29 37.03 -24.95
CA LEU B 29 -3.77 37.87 -26.03
C LEU B 29 -3.14 37.10 -27.20
N GLY B 30 -2.80 35.83 -26.98
CA GLY B 30 -2.29 34.99 -28.06
C GLY B 30 -0.84 35.25 -28.42
N ASN B 31 -0.13 35.97 -27.54
CA ASN B 31 1.28 36.30 -27.75
C ASN B 31 2.27 35.35 -27.05
N ILE B 32 1.74 34.34 -26.35
CA ILE B 32 2.55 33.43 -25.54
C ILE B 32 3.57 32.68 -26.40
N GLN B 33 4.70 32.30 -25.80
CA GLN B 33 5.85 31.84 -26.57
C GLN B 33 5.98 30.33 -26.65
N ALA B 34 6.45 29.84 -27.80
CA ALA B 34 6.60 28.39 -28.01
C ALA B 34 7.46 27.74 -26.94
N ASP B 35 8.34 28.54 -26.34
CA ASP B 35 9.12 28.14 -25.17
C ASP B 35 8.22 27.46 -24.13
N ALA B 36 7.32 28.26 -23.56
CA ALA B 36 6.42 27.80 -22.51
C ALA B 36 5.43 26.71 -22.95
N LEU B 37 4.90 26.81 -24.16
CA LEU B 37 4.00 25.78 -24.67
C LEU B 37 4.73 24.45 -24.80
N ARG B 38 6.04 24.51 -25.10
CA ARG B 38 6.81 23.30 -25.28
C ARG B 38 6.99 22.65 -23.94
N HIS B 39 7.36 23.45 -22.95
CA HIS B 39 7.56 22.93 -21.61
C HIS B 39 6.27 22.31 -21.08
N TYR B 40 5.16 23.01 -21.28
CA TYR B 40 3.83 22.62 -20.79
C TYR B 40 3.43 21.23 -21.26
N LEU B 41 3.48 21.02 -22.56
CA LEU B 41 3.11 19.73 -23.14
C LEU B 41 4.03 18.61 -22.68
N GLN B 42 5.31 18.92 -22.55
CA GLN B 42 6.30 17.92 -22.19
C GLN B 42 6.04 17.40 -20.78
N ALA B 43 5.73 18.31 -19.88
CA ALA B 43 5.46 17.96 -18.48
C ALA B 43 4.20 17.11 -18.42
N ASP B 44 3.13 17.65 -18.99
CA ASP B 44 1.85 16.97 -19.08
C ASP B 44 1.92 15.56 -19.70
N ALA B 45 2.77 15.38 -20.71
CA ALA B 45 2.83 14.10 -21.37
C ALA B 45 3.61 13.08 -20.53
N ALA B 46 4.52 13.57 -19.71
CA ALA B 46 5.31 12.71 -18.84
C ALA B 46 4.44 12.22 -17.68
N TYR B 47 3.41 13.01 -17.39
CA TYR B 47 2.51 12.67 -16.29
C TYR B 47 1.32 11.87 -16.79
N LEU B 48 1.34 11.55 -18.09
CA LEU B 48 0.26 10.77 -18.71
C LEU B 48 0.08 9.40 -18.05
N LYS B 49 1.16 8.61 -17.99
CA LYS B 49 1.15 7.31 -17.34
C LYS B 49 0.71 7.36 -15.86
N GLU B 50 1.03 8.45 -15.17
CA GLU B 50 0.71 8.59 -13.75
C GLU B 50 -0.79 8.78 -13.51
N PHE B 51 -1.45 9.54 -14.36
CA PHE B 51 -2.93 9.71 -14.27
C PHE B 51 -3.69 8.43 -14.64
N THR B 52 -3.11 7.61 -15.52
CA THR B 52 -3.73 6.32 -15.84
C THR B 52 -3.74 5.45 -14.59
N ASN B 53 -2.66 5.55 -13.82
CA ASN B 53 -2.49 4.81 -12.60
C ASN B 53 -3.51 5.20 -11.53
N LEU B 54 -3.78 6.50 -11.42
CA LEU B 54 -4.67 7.01 -10.40
C LEU B 54 -6.13 6.56 -10.62
N TYR B 55 -6.59 6.54 -11.86
CA TYR B 55 -7.92 6.04 -12.15
C TYR B 55 -8.02 4.52 -11.87
N ALA B 56 -6.89 3.84 -11.96
CA ALA B 56 -6.85 2.41 -11.67
C ALA B 56 -6.96 2.15 -10.16
N LEU B 57 -6.32 3.01 -9.37
CA LEU B 57 -6.27 2.81 -7.92
C LEU B 57 -7.62 3.12 -7.27
N LEU B 58 -8.40 3.95 -7.96
CA LEU B 58 -9.73 4.36 -7.51
C LEU B 58 -10.76 3.28 -7.68
N ILE B 59 -10.44 2.27 -8.49
CA ILE B 59 -11.40 1.21 -8.76
C ILE B 59 -11.69 0.33 -7.54
N PRO B 60 -10.64 -0.13 -6.85
CA PRO B 60 -10.99 -0.91 -5.67
C PRO B 60 -11.66 -0.09 -4.54
N LYS B 61 -11.58 1.23 -4.62
CA LYS B 61 -12.29 2.10 -3.67
C LYS B 61 -13.75 2.34 -4.07
N MET B 62 -14.15 1.84 -5.23
CA MET B 62 -15.50 2.09 -5.73
C MET B 62 -16.43 0.96 -5.32
N ASN B 63 -17.50 1.31 -4.60
CA ASN B 63 -18.48 0.29 -4.23
C ASN B 63 -19.63 0.09 -5.25
N SER B 64 -19.78 1.04 -6.17
CA SER B 64 -20.80 0.95 -7.22
C SER B 64 -20.17 0.61 -8.56
N MET B 65 -20.67 -0.44 -9.22
CA MET B 65 -20.14 -0.82 -10.53
C MET B 65 -20.34 0.24 -11.66
N ASN B 66 -21.33 1.12 -11.56
CA ASN B 66 -21.42 2.16 -12.60
C ASN B 66 -20.31 3.19 -12.48
N ASP B 67 -19.76 3.28 -11.27
CA ASP B 67 -18.64 4.15 -10.99
C ASP B 67 -17.37 3.58 -11.61
N VAL B 68 -17.21 2.27 -11.49
CA VAL B 68 -16.10 1.57 -12.12
C VAL B 68 -16.05 1.71 -13.66
N LYS B 69 -17.20 1.58 -14.32
CA LYS B 69 -17.29 1.79 -15.77
C LYS B 69 -16.77 3.18 -16.15
N PHE B 70 -17.15 4.18 -15.37
CA PHE B 70 -16.70 5.55 -15.60
C PHE B 70 -15.16 5.66 -15.59
N LEU B 71 -14.55 5.09 -14.56
CA LEU B 71 -13.09 5.06 -14.41
C LEU B 71 -12.44 4.30 -15.57
N VAL B 72 -13.13 3.25 -16.05
CA VAL B 72 -12.67 2.47 -17.20
C VAL B 72 -12.61 3.32 -18.47
N GLU B 73 -13.64 4.11 -18.70
CA GLU B 73 -13.67 4.99 -19.86
C GLU B 73 -12.45 5.92 -19.87
N GLN B 74 -12.13 6.48 -18.72
CA GLN B 74 -11.04 7.45 -18.62
C GLN B 74 -9.69 6.84 -18.95
N ILE B 75 -9.53 5.56 -18.63
CA ILE B 75 -8.31 4.85 -18.98
C ILE B 75 -8.27 4.60 -20.49
N GLU B 76 -9.38 4.12 -21.05
CA GLU B 76 -9.52 3.91 -22.49
C GLU B 76 -9.28 5.21 -23.27
N PHE B 77 -9.85 6.29 -22.78
CA PHE B 77 -9.63 7.59 -23.39
C PHE B 77 -8.15 7.97 -23.34
N MET B 78 -7.46 7.59 -22.26
CA MET B 78 -6.03 7.88 -22.15
C MET B 78 -5.12 6.94 -22.97
N VAL B 79 -5.55 5.68 -23.12
CA VAL B 79 -4.92 4.68 -23.98
C VAL B 79 -5.09 4.98 -25.47
N GLU B 80 -6.30 5.38 -25.90
CA GLU B 80 -6.54 5.75 -27.31
C GLU B 80 -5.62 6.90 -27.77
N GLY B 81 -5.35 7.81 -26.84
CA GLY B 81 -4.39 8.88 -27.08
C GLY B 81 -4.88 9.94 -28.05
N GLU B 82 -6.11 10.41 -27.86
CA GLU B 82 -6.57 11.54 -28.65
C GLU B 82 -6.61 12.77 -27.74
N VAL B 83 -5.65 13.68 -27.93
CA VAL B 83 -5.57 14.89 -27.13
C VAL B 83 -5.86 16.09 -28.03
N LEU B 84 -7.04 16.66 -27.89
CA LEU B 84 -7.47 17.68 -28.85
C LEU B 84 -6.74 19.00 -28.60
N ALA B 85 -6.75 19.42 -27.34
CA ALA B 85 -6.18 20.69 -26.90
C ALA B 85 -4.68 20.71 -27.10
N HIS B 86 -4.08 19.52 -27.09
CA HIS B 86 -2.64 19.42 -27.23
C HIS B 86 -2.24 19.64 -28.67
N ASP B 87 -2.94 19.02 -29.63
CA ASP B 87 -2.68 19.24 -31.06
C ASP B 87 -2.83 20.73 -31.41
N ILE B 88 -3.75 21.42 -30.73
CA ILE B 88 -3.88 22.88 -30.86
C ILE B 88 -2.63 23.62 -30.40
N LEU B 89 -2.06 23.21 -29.26
CA LEU B 89 -0.86 23.89 -28.74
C LEU B 89 0.37 23.54 -29.59
N ALA B 90 0.38 22.33 -30.16
CA ALA B 90 1.47 21.90 -31.03
C ALA B 90 1.63 22.82 -32.26
N GLN B 91 0.57 22.98 -33.06
CA GLN B 91 0.70 23.79 -34.26
C GLN B 91 1.22 25.23 -34.03
N ILE B 92 0.95 25.79 -32.84
CA ILE B 92 1.46 27.13 -32.54
C ILE B 92 2.98 27.16 -32.41
N VAL B 93 3.55 26.11 -31.81
CA VAL B 93 5.01 25.98 -31.78
C VAL B 93 5.53 25.56 -33.15
N GLY B 94 4.73 24.80 -33.90
CA GLY B 94 5.07 24.47 -35.26
C GLY B 94 5.80 23.15 -35.41
N GLU B 95 5.71 22.32 -34.38
CA GLU B 95 6.16 20.92 -34.48
C GLU B 95 4.98 20.00 -34.22
N SER B 96 5.09 18.74 -34.67
CA SER B 96 4.07 17.75 -34.36
C SER B 96 4.17 17.31 -32.90
N TYR B 97 3.03 16.90 -32.34
CA TYR B 97 2.97 16.55 -30.92
C TYR B 97 3.92 15.40 -30.54
N GLU B 98 4.16 14.49 -31.47
CA GLU B 98 5.04 13.37 -31.16
C GLU B 98 6.51 13.80 -31.07
N GLU B 99 6.90 14.74 -31.92
CA GLU B 99 8.26 15.30 -31.88
C GLU B 99 8.51 16.00 -30.55
N ILE B 100 7.55 16.82 -30.12
CA ILE B 100 7.70 17.58 -28.88
C ILE B 100 7.82 16.70 -27.65
N ILE B 101 6.98 15.67 -27.57
CA ILE B 101 6.97 14.84 -26.37
C ILE B 101 8.00 13.70 -26.45
N LYS B 102 8.77 13.69 -27.54
CA LYS B 102 9.93 12.79 -27.64
C LYS B 102 10.93 13.13 -26.55
N THR B 103 11.00 14.43 -26.25
CA THR B 103 11.73 14.90 -25.07
C THR B 103 10.71 15.19 -23.97
N LYS B 104 11.03 14.73 -22.78
CA LYS B 104 10.11 14.90 -21.67
C LYS B 104 10.80 15.73 -20.63
N VAL B 105 10.00 16.35 -19.77
CA VAL B 105 10.59 17.02 -18.63
C VAL B 105 9.75 16.67 -17.41
N TRP B 106 10.38 16.74 -16.23
CA TRP B 106 9.73 16.31 -14.99
C TRP B 106 9.93 17.30 -13.84
N PRO B 107 9.29 18.47 -13.91
CA PRO B 107 9.56 19.63 -13.05
C PRO B 107 9.09 19.43 -11.60
N PRO B 108 9.68 20.16 -10.65
CA PRO B 108 9.35 20.10 -9.22
C PRO B 108 7.87 20.33 -8.92
N SER B 109 7.29 21.37 -9.52
CA SER B 109 5.89 21.71 -9.30
C SER B 109 5.00 20.53 -9.62
N GLY B 110 5.27 19.93 -10.77
CA GLY B 110 4.53 18.78 -11.22
C GLY B 110 4.78 17.58 -10.35
N ASP B 111 6.02 17.43 -9.89
CA ASP B 111 6.37 16.37 -8.95
C ASP B 111 5.52 16.42 -7.67
N HIS B 112 5.40 17.63 -7.11
CA HIS B 112 4.62 17.87 -5.91
C HIS B 112 3.14 17.56 -6.15
N TYR B 113 2.59 17.98 -7.30
CA TYR B 113 1.15 17.72 -7.65
C TYR B 113 0.83 16.21 -7.66
N ILE B 114 1.60 15.50 -8.48
CA ILE B 114 1.55 14.05 -8.57
C ILE B 114 1.64 13.38 -7.20
N LYS B 115 2.65 13.75 -6.41
CA LYS B 115 2.90 13.08 -5.15
C LYS B 115 1.79 13.35 -4.16
N HIS B 116 1.18 14.52 -4.27
CA HIS B 116 -0.03 14.86 -3.52
C HIS B 116 -1.19 13.92 -3.83
N MET B 117 -1.42 13.68 -5.10
CA MET B 117 -2.49 12.80 -5.52
C MET B 117 -2.23 11.34 -5.14
N TYR B 118 -1.00 10.89 -5.40
CA TYR B 118 -0.60 9.55 -4.97
C TYR B 118 -0.71 9.36 -3.47
N PHE B 119 -0.36 10.39 -2.68
CA PHE B 119 -0.51 10.27 -1.22
C PHE B 119 -1.94 9.89 -0.83
N GLN B 120 -2.93 10.50 -1.48
CA GLN B 120 -4.32 10.16 -1.19
C GLN B 120 -4.68 8.74 -1.61
N ALA B 121 -4.33 8.42 -2.84
CA ALA B 121 -4.58 7.10 -3.40
C ALA B 121 -3.96 6.01 -2.53
N HIS B 122 -2.73 6.27 -2.10
CA HIS B 122 -1.94 5.26 -1.41
C HIS B 122 -2.35 5.08 0.03
N SER B 123 -2.43 6.18 0.76
CA SER B 123 -2.78 6.13 2.16
C SER B 123 -4.23 6.40 2.58
N ARG B 124 -5.10 6.84 1.68
CA ARG B 124 -6.47 7.15 2.13
C ARG B 124 -7.46 6.16 1.60
N GLU B 125 -8.07 5.39 2.50
CA GLU B 125 -9.04 4.36 2.10
C GLU B 125 -10.25 4.90 1.32
N ASN B 126 -10.79 6.03 1.77
CA ASN B 126 -12.00 6.61 1.18
C ASN B 126 -11.70 7.31 -0.14
N ALA B 127 -12.41 6.90 -1.19
CA ALA B 127 -12.18 7.43 -2.54
C ALA B 127 -12.39 8.95 -2.61
N ILE B 128 -12.99 9.55 -1.59
CA ILE B 128 -13.26 10.99 -1.67
C ILE B 128 -11.97 11.82 -1.68
N TYR B 129 -10.92 11.36 -0.99
CA TYR B 129 -9.67 12.11 -0.90
C TYR B 129 -8.88 12.17 -2.23
N THR B 130 -8.90 11.05 -2.98
CA THR B 130 -8.20 11.00 -4.26
C THR B 130 -8.96 11.82 -5.28
N ILE B 131 -10.28 11.62 -5.29
CA ILE B 131 -11.16 12.36 -6.19
C ILE B 131 -11.01 13.87 -5.98
N ALA B 132 -11.12 14.29 -4.73
CA ALA B 132 -10.92 15.70 -4.36
C ALA B 132 -9.54 16.22 -4.78
N ALA B 133 -8.56 15.33 -4.86
CA ALA B 133 -7.26 15.73 -5.35
C ALA B 133 -7.32 15.90 -6.86
N MET B 134 -8.10 15.04 -7.53
CA MET B 134 -8.16 15.05 -8.99
C MET B 134 -9.14 16.05 -9.60
N ALA B 135 -10.14 16.45 -8.83
CA ALA B 135 -11.23 17.27 -9.33
C ALA B 135 -10.89 18.69 -9.80
N PRO B 136 -9.97 19.35 -9.10
CA PRO B 136 -9.57 20.72 -9.46
C PRO B 136 -8.81 20.76 -10.78
N CME B 137 -8.87 19.67 -11.54
CA CME B 137 -8.16 19.60 -12.85
CB CME B 137 -7.59 18.20 -13.05
SG CME B 137 -6.99 18.04 -14.69
SD CME B 137 -5.01 18.38 -14.75
CE CME B 137 -4.69 18.72 -16.45
CZ CME B 137 -3.20 18.91 -16.65
OH CME B 137 -2.64 19.57 -15.52
C CME B 137 -9.08 19.93 -13.99
O CME B 137 -8.67 20.64 -14.93
N PRO B 138 -10.31 19.43 -13.92
CA PRO B 138 -11.30 19.69 -14.98
C PRO B 138 -12.23 20.84 -14.62
N TYR B 139 -12.23 21.24 -13.35
CA TYR B 139 -13.08 22.34 -12.89
C TYR B 139 -12.44 23.69 -13.18
N ILE B 140 -11.26 23.91 -12.63
CA ILE B 140 -10.47 25.10 -12.90
C ILE B 140 -10.36 25.41 -14.40
N TYR B 141 -10.03 24.41 -15.22
CA TYR B 141 -9.88 24.65 -16.66
C TYR B 141 -11.19 25.15 -17.30
N ALA B 142 -12.30 24.50 -16.95
CA ALA B 142 -13.61 24.93 -17.43
C ALA B 142 -13.96 26.35 -16.98
N GLU B 143 -13.67 26.65 -15.71
CA GLU B 143 -13.96 27.96 -15.16
C GLU B 143 -13.17 29.09 -15.85
N LEU B 144 -11.91 28.83 -16.20
CA LEU B 144 -11.08 29.86 -16.82
C LEU B 144 -11.55 30.12 -18.23
N ALA B 145 -11.78 29.05 -18.98
CA ALA B 145 -12.34 29.13 -20.33
C ALA B 145 -13.69 29.85 -20.33
N LYS B 146 -14.51 29.64 -19.30
CA LYS B 146 -15.81 30.29 -19.22
C LYS B 146 -15.66 31.78 -18.92
N ARG B 147 -14.64 32.12 -18.15
CA ARG B 147 -14.33 33.52 -17.91
C ARG B 147 -13.86 34.20 -19.20
N SER B 148 -13.05 33.50 -19.98
CA SER B 148 -12.45 34.11 -21.17
C SER B 148 -13.48 34.44 -22.27
N GLN B 149 -14.61 33.74 -22.27
CA GLN B 149 -15.63 33.97 -23.28
C GLN B 149 -16.28 35.36 -23.15
N SER B 150 -16.42 35.87 -21.92
CA SER B 150 -16.97 37.20 -21.62
C SER B 150 -15.88 38.25 -21.52
N ASP B 151 -14.65 37.85 -21.81
CA ASP B 151 -13.52 38.75 -21.65
C ASP B 151 -13.16 39.41 -22.97
N HIS B 152 -13.14 40.73 -22.98
CA HIS B 152 -12.86 41.46 -24.21
C HIS B 152 -11.37 41.45 -24.56
N LYS B 153 -10.52 41.02 -23.62
CA LYS B 153 -9.09 40.98 -23.91
C LYS B 153 -8.74 39.74 -24.73
N LEU B 154 -9.70 38.82 -24.87
CA LEU B 154 -9.44 37.58 -25.61
C LEU B 154 -9.20 37.84 -27.09
N ASN B 155 -8.07 37.40 -27.62
CA ASN B 155 -7.74 37.70 -29.00
C ASN B 155 -8.24 36.56 -29.86
N ARG B 156 -9.30 36.84 -30.63
CA ARG B 156 -9.98 35.82 -31.42
C ARG B 156 -9.33 35.67 -32.80
N GLU B 157 -8.39 36.55 -33.15
CA GLU B 157 -7.67 36.36 -34.41
C GLU B 157 -6.66 35.23 -34.23
N LYS B 158 -6.11 35.15 -33.02
CA LYS B 158 -5.08 34.18 -32.70
C LYS B 158 -5.69 32.79 -32.46
N ASP B 159 -4.91 31.75 -32.77
CA ASP B 159 -5.32 30.34 -32.58
C ASP B 159 -5.34 29.89 -31.12
N THR B 160 -4.82 30.72 -30.22
CA THR B 160 -4.79 30.36 -28.82
C THR B 160 -6.20 30.29 -28.29
N ALA B 161 -7.11 31.03 -28.92
CA ALA B 161 -8.50 31.07 -28.45
C ALA B 161 -9.24 29.73 -28.64
N LYS B 162 -8.83 28.96 -29.65
CA LYS B 162 -9.36 27.61 -29.87
C LYS B 162 -9.14 26.70 -28.66
N TRP B 163 -8.06 26.98 -27.93
CA TRP B 163 -7.74 26.27 -26.69
C TRP B 163 -8.84 26.56 -25.64
N PHE B 164 -9.09 27.85 -25.38
CA PHE B 164 -10.20 28.27 -24.55
C PHE B 164 -11.55 27.68 -24.99
N ASP B 165 -11.85 27.73 -26.28
CA ASP B 165 -13.15 27.20 -26.73
C ASP B 165 -13.31 25.72 -26.38
N PHE B 166 -12.20 24.99 -26.39
CA PHE B 166 -12.22 23.57 -26.07
C PHE B 166 -12.57 23.31 -24.62
N TYR B 167 -12.05 24.14 -23.72
CA TYR B 167 -12.21 23.88 -22.29
C TYR B 167 -13.52 24.42 -21.70
N SER B 168 -14.21 25.26 -22.45
CA SER B 168 -15.50 25.78 -21.99
C SER B 168 -16.66 24.76 -22.09
N THR B 169 -16.44 23.64 -22.78
CA THR B 169 -17.49 22.63 -23.05
C THR B 169 -17.03 21.22 -22.66
N GLU B 170 -15.95 20.78 -23.29
CA GLU B 170 -15.45 19.39 -23.19
C GLU B 170 -15.12 18.87 -21.79
N MET B 171 -14.94 19.76 -20.82
CA MET B 171 -14.71 19.29 -19.45
C MET B 171 -15.99 19.06 -18.64
N ASP B 172 -17.09 19.63 -19.11
CA ASP B 172 -18.34 19.65 -18.33
C ASP B 172 -18.82 18.27 -17.85
N ASP B 173 -18.69 17.25 -18.69
CA ASP B 173 -19.33 15.98 -18.32
C ASP B 173 -18.60 15.26 -17.20
N ILE B 174 -17.28 15.37 -17.14
CA ILE B 174 -16.49 14.71 -16.11
C ILE B 174 -16.58 15.43 -14.75
N ILE B 175 -16.70 16.75 -14.79
CA ILE B 175 -16.94 17.53 -13.59
C ILE B 175 -18.14 17.00 -12.82
N ASN B 176 -19.28 16.84 -13.50
CA ASN B 176 -20.49 16.38 -12.84
C ASN B 176 -20.39 15.00 -12.26
N VAL B 177 -19.59 14.15 -12.88
CA VAL B 177 -19.35 12.84 -12.30
C VAL B 177 -18.57 12.98 -10.98
N PHE B 178 -17.52 13.81 -10.96
CA PHE B 178 -16.74 14.06 -9.74
C PHE B 178 -17.62 14.75 -8.66
N GLU B 179 -18.48 15.64 -9.14
CA GLU B 179 -19.44 16.36 -8.32
C GLU B 179 -20.44 15.40 -7.62
N SER B 180 -20.89 14.35 -8.32
CA SER B 180 -21.86 13.46 -7.73
C SER B 180 -21.22 12.48 -6.77
N LEU B 181 -20.02 12.02 -7.11
CA LEU B 181 -19.26 11.13 -6.24
C LEU B 181 -18.90 11.84 -4.94
N MET B 182 -18.36 13.04 -5.07
CA MET B 182 -17.95 13.80 -3.88
C MET B 182 -19.14 14.08 -2.96
N ASN B 183 -20.23 14.59 -3.53
CA ASN B 183 -21.45 14.88 -2.77
C ASN B 183 -22.07 13.65 -2.10
N LYS B 184 -22.05 12.52 -2.81
CA LYS B 184 -22.56 11.25 -2.31
C LYS B 184 -21.78 10.81 -1.09
N LEU B 185 -20.45 10.83 -1.20
CA LEU B 185 -19.58 10.30 -0.16
C LEU B 185 -19.51 11.20 1.07
N ALA B 186 -19.62 12.52 0.86
CA ALA B 186 -19.64 13.48 1.97
C ALA B 186 -20.84 13.32 2.92
N GLU B 187 -21.90 12.63 2.46
CA GLU B 187 -23.11 12.45 3.26
C GLU B 187 -22.85 11.70 4.58
N SER B 188 -22.03 10.65 4.51
CA SER B 188 -21.71 9.79 5.66
C SER B 188 -20.52 10.27 6.53
N MET B 189 -19.95 11.42 6.20
CA MET B 189 -18.70 11.82 6.84
C MET B 189 -18.88 12.92 7.90
N SER B 190 -18.03 12.87 8.92
CA SER B 190 -17.98 13.94 9.92
C SER B 190 -17.53 15.25 9.29
N ASP B 191 -17.99 16.34 9.89
CA ASP B 191 -17.61 17.69 9.49
C ASP B 191 -16.11 17.91 9.53
N LYS B 192 -15.42 17.23 10.43
CA LYS B 192 -13.97 17.41 10.58
C LYS B 192 -13.20 16.72 9.42
N GLU B 193 -13.66 15.53 9.04
CA GLU B 193 -13.13 14.82 7.87
C GLU B 193 -13.26 15.68 6.62
N LEU B 194 -14.44 16.25 6.42
CA LEU B 194 -14.70 17.14 5.30
C LEU B 194 -13.78 18.37 5.33
N GLU B 195 -13.30 18.75 6.51
CA GLU B 195 -12.30 19.82 6.59
C GLU B 195 -10.95 19.35 6.02
N GLN B 196 -10.65 18.05 6.15
CA GLN B 196 -9.46 17.48 5.52
C GLN B 196 -9.62 17.43 4.00
N VAL B 197 -10.72 16.82 3.54
CA VAL B 197 -11.05 16.71 2.14
C VAL B 197 -10.95 18.06 1.45
N LYS B 198 -11.60 19.07 2.03
CA LYS B 198 -11.54 20.43 1.49
C LYS B 198 -10.09 20.92 1.34
N GLN B 199 -9.26 20.61 2.34
CA GLN B 199 -7.86 20.98 2.32
C GLN B 199 -7.15 20.34 1.12
N VAL B 200 -7.46 19.06 0.88
CA VAL B 200 -6.86 18.31 -0.21
C VAL B 200 -7.20 18.92 -1.59
N PHE B 201 -8.45 19.37 -1.71
CA PHE B 201 -8.95 19.92 -2.95
C PHE B 201 -8.26 21.25 -3.21
N LEU B 202 -8.07 22.02 -2.13
CA LEU B 202 -7.51 23.36 -2.25
C LEU B 202 -6.03 23.34 -2.66
N GLU B 203 -5.25 22.40 -2.12
CA GLU B 203 -3.86 22.25 -2.51
C GLU B 203 -3.73 22.00 -4.04
N SER B 204 -4.59 21.13 -4.56
CA SER B 204 -4.62 20.84 -6.01
C SER B 204 -4.88 22.10 -6.84
N CYS B 205 -5.79 22.94 -6.36
CA CYS B 205 -6.01 24.24 -6.95
C CYS B 205 -4.70 24.98 -7.01
N ILE B 206 -4.00 25.05 -5.88
CA ILE B 206 -2.71 25.70 -5.83
C ILE B 206 -1.69 25.06 -6.81
N HIS B 207 -1.67 23.73 -6.90
CA HIS B 207 -0.74 23.07 -7.83
C HIS B 207 -1.02 23.42 -9.29
N GLU B 208 -2.30 23.69 -9.61
CA GLU B 208 -2.67 24.06 -10.99
C GLU B 208 -2.04 25.40 -11.32
N ARG B 209 -2.17 26.36 -10.41
CA ARG B 209 -1.47 27.62 -10.57
C ARG B 209 0.04 27.38 -10.72
N ARG B 210 0.59 26.50 -9.90
CA ARG B 210 2.02 26.29 -9.92
C ARG B 210 2.51 25.60 -11.20
N PHE B 211 1.65 24.77 -11.77
CA PHE B 211 1.95 24.01 -12.98
C PHE B 211 2.07 24.96 -14.16
N PHE B 212 1.08 25.85 -14.28
CA PHE B 212 1.06 26.85 -15.33
C PHE B 212 2.30 27.70 -15.20
N ASN B 213 2.52 28.19 -13.98
CA ASN B 213 3.69 29.01 -13.74
C ASN B 213 5.01 28.30 -14.04
N MET B 214 5.02 27.00 -13.83
CA MET B 214 6.23 26.24 -14.10
C MET B 214 6.55 26.28 -15.58
N ALA B 215 5.50 26.28 -16.42
CA ALA B 215 5.70 26.31 -17.87
C ALA B 215 6.22 27.67 -18.34
N MET B 216 5.77 28.73 -17.66
CA MET B 216 6.18 30.10 -17.97
C MET B 216 7.64 30.32 -17.59
N THR B 217 8.04 29.71 -16.49
CA THR B 217 9.37 29.87 -15.96
C THR B 217 10.33 28.77 -16.42
N LEU B 218 9.84 27.91 -17.31
CA LEU B 218 10.62 26.75 -17.79
C LEU B 218 11.28 26.00 -16.62
N GLU B 219 10.50 25.70 -15.57
CA GLU B 219 11.01 25.13 -14.33
C GLU B 219 11.66 23.74 -14.53
N GLN B 220 12.69 23.46 -13.74
CA GLN B 220 13.30 22.13 -13.68
C GLN B 220 14.09 21.92 -12.37
N TRP B 221 14.48 20.69 -12.07
CA TRP B 221 15.45 20.48 -10.99
C TRP B 221 16.82 21.05 -11.33
N GLU B 222 17.36 21.90 -10.46
CA GLU B 222 18.75 22.31 -10.65
C GLU B 222 19.57 21.62 -9.55
N PHE B 223 20.31 20.58 -9.94
CA PHE B 223 21.12 19.84 -9.00
C PHE B 223 22.56 20.33 -9.06
N GLY B 224 22.83 21.24 -10.00
CA GLY B 224 24.19 21.70 -10.26
C GLY B 224 24.55 22.97 -9.51
N GLY B 225 23.60 23.49 -8.72
CA GLY B 225 23.87 24.63 -7.86
C GLY B 225 24.30 25.88 -8.61
N MET C 1 -22.89 -4.10 26.31
CA MET C 1 -21.54 -4.20 26.84
C MET C 1 -20.51 -3.49 25.95
N GLU C 2 -19.25 -3.49 26.39
CA GLU C 2 -18.17 -3.01 25.55
C GLU C 2 -18.07 -3.92 24.32
N PHE C 3 -17.60 -3.35 23.22
CA PHE C 3 -17.39 -4.07 21.96
C PHE C 3 -16.49 -5.31 22.12
N SER C 4 -15.40 -5.18 22.87
CA SER C 4 -14.45 -6.28 22.98
C SER C 4 -15.05 -7.47 23.72
N GLN C 5 -15.98 -7.22 24.64
CA GLN C 5 -16.63 -8.31 25.34
C GLN C 5 -17.54 -9.04 24.37
N LYS C 6 -18.20 -8.27 23.50
CA LYS C 6 -19.03 -8.84 22.44
C LYS C 6 -18.23 -9.79 21.55
N LEU C 7 -17.00 -9.40 21.24
CA LEU C 7 -16.06 -10.27 20.54
C LEU C 7 -15.76 -11.54 21.35
N TYR C 8 -15.47 -11.38 22.64
CA TYR C 8 -15.16 -12.53 23.51
C TYR C 8 -16.33 -13.50 23.65
N GLN C 9 -17.55 -12.97 23.58
CA GLN C 9 -18.75 -13.78 23.78
C GLN C 9 -18.97 -14.66 22.55
N ALA C 10 -18.72 -14.09 21.38
CA ALA C 10 -18.87 -14.79 20.11
C ALA C 10 -17.72 -15.79 19.86
N ALA C 11 -16.57 -15.55 20.50
CA ALA C 11 -15.38 -16.38 20.32
C ALA C 11 -15.47 -17.69 21.10
N LYS C 12 -16.47 -17.77 22.00
CA LYS C 12 -16.61 -18.90 22.93
C LYS C 12 -16.70 -20.30 22.28
N PRO C 13 -17.66 -20.50 21.32
CA PRO C 13 -17.79 -21.84 20.73
C PRO C 13 -16.49 -22.29 20.10
N ILE C 14 -15.84 -21.35 19.43
CA ILE C 14 -14.60 -21.61 18.72
C ILE C 14 -13.50 -21.99 19.70
N ILE C 15 -13.39 -21.22 20.77
CA ILE C 15 -12.41 -21.50 21.82
C ILE C 15 -12.67 -22.89 22.40
N ASN C 16 -13.93 -23.20 22.68
CA ASN C 16 -14.29 -24.54 23.10
C ASN C 16 -13.87 -25.65 22.11
N ASP C 17 -14.17 -25.46 20.81
CA ASP C 17 -13.69 -26.39 19.78
C ASP C 17 -12.17 -26.57 19.79
N ILE C 18 -11.43 -25.50 20.07
CA ILE C 18 -9.97 -25.58 20.16
C ILE C 18 -9.53 -26.38 21.36
N TYR C 19 -10.25 -26.22 22.48
CA TYR C 19 -9.89 -26.88 23.73
C TYR C 19 -10.11 -28.36 23.57
N GLU C 20 -11.15 -28.71 22.82
CA GLU C 20 -11.45 -30.12 22.63
C GLU C 20 -10.79 -30.76 21.40
N ASP C 21 -10.06 -29.97 20.63
CA ASP C 21 -9.25 -30.56 19.55
C ASP C 21 -8.04 -31.28 20.12
N ASP C 22 -7.27 -31.91 19.24
CA ASP C 22 -6.22 -32.84 19.65
C ASP C 22 -5.01 -32.20 20.33
N PHE C 23 -4.64 -30.98 19.92
CA PHE C 23 -3.43 -30.34 20.43
C PHE C 23 -3.51 -30.08 21.95
N ILE C 24 -4.59 -29.45 22.37
CA ILE C 24 -4.74 -29.05 23.76
C ILE C 24 -4.97 -30.27 24.64
N GLN C 25 -5.84 -31.17 24.18
CA GLN C 25 -6.12 -32.40 24.93
C GLN C 25 -4.87 -33.24 25.16
N LYS C 26 -4.01 -33.33 24.14
CA LYS C 26 -2.74 -34.04 24.26
C LYS C 26 -1.70 -33.19 24.97
N MET C 27 -1.92 -31.89 25.03
CA MET C 27 -1.02 -31.05 25.80
C MET C 27 -1.34 -31.22 27.28
N LEU C 28 -2.62 -31.34 27.59
CA LEU C 28 -3.08 -31.57 28.96
C LEU C 28 -2.46 -32.84 29.58
N LEU C 29 -2.65 -33.97 28.89
CA LEU C 29 -2.24 -35.29 29.36
C LEU C 29 -0.72 -35.55 29.36
N GLY C 30 0.04 -34.81 28.54
CA GLY C 30 1.48 -34.93 28.54
C GLY C 30 1.99 -35.81 27.41
N ASN C 31 1.06 -36.53 26.77
CA ASN C 31 1.38 -37.55 25.79
C ASN C 31 1.60 -37.03 24.36
N ILE C 32 1.52 -35.72 24.15
CA ILE C 32 1.70 -35.14 22.81
C ILE C 32 3.01 -35.54 22.14
N GLN C 33 2.90 -35.94 20.87
CA GLN C 33 4.04 -36.41 20.10
C GLN C 33 5.04 -35.30 19.74
N ALA C 34 6.30 -35.69 19.59
CA ALA C 34 7.36 -34.75 19.24
C ALA C 34 7.30 -34.26 17.78
N ASP C 35 6.56 -34.97 16.92
CA ASP C 35 6.43 -34.54 15.52
C ASP C 35 5.72 -33.20 15.45
N ALA C 36 4.70 -33.08 16.28
CA ALA C 36 3.78 -31.95 16.26
C ALA C 36 4.40 -30.74 16.92
N LEU C 37 5.04 -30.94 18.07
CA LEU C 37 5.76 -29.86 18.71
C LEU C 37 6.78 -29.29 17.73
N ARG C 38 7.47 -30.19 17.01
CA ARG C 38 8.47 -29.81 16.02
C ARG C 38 7.86 -28.89 14.94
N HIS C 39 6.78 -29.35 14.33
CA HIS C 39 6.08 -28.57 13.32
C HIS C 39 5.57 -27.23 13.89
N TYR C 40 5.09 -27.25 15.14
CA TYR C 40 4.54 -26.04 15.75
C TYR C 40 5.63 -24.98 15.98
N LEU C 41 6.76 -25.43 16.51
CA LEU C 41 7.88 -24.54 16.74
C LEU C 41 8.42 -23.91 15.47
N GLN C 42 8.51 -24.70 14.39
CA GLN C 42 9.11 -24.25 13.14
C GLN C 42 8.17 -23.32 12.38
N ALA C 43 6.88 -23.63 12.39
CA ALA C 43 5.89 -22.80 11.71
C ALA C 43 5.78 -21.43 12.41
N ASP C 44 5.78 -21.45 13.74
CA ASP C 44 5.77 -20.24 14.57
C ASP C 44 7.03 -19.36 14.40
N ALA C 45 8.19 -19.98 14.23
CA ALA C 45 9.45 -19.22 14.06
C ALA C 45 9.64 -18.66 12.64
N ALA C 46 8.93 -19.26 11.69
CA ALA C 46 9.01 -18.88 10.28
C ALA C 46 8.19 -17.62 10.04
N TYR C 47 7.14 -17.48 10.87
CA TYR C 47 6.18 -16.39 10.78
C TYR C 47 6.53 -15.23 11.74
N LEU C 48 7.63 -15.40 12.48
CA LEU C 48 8.14 -14.37 13.40
C LEU C 48 8.39 -13.03 12.73
N LYS C 49 9.15 -13.05 11.64
CA LYS C 49 9.39 -11.84 10.85
C LYS C 49 8.10 -11.15 10.41
N GLU C 50 7.03 -11.92 10.17
CA GLU C 50 5.78 -11.31 9.72
C GLU C 50 5.13 -10.54 10.87
N PHE C 51 5.09 -11.13 12.05
CA PHE C 51 4.53 -10.47 13.23
C PHE C 51 5.24 -9.16 13.60
N THR C 52 6.54 -9.15 13.34
CA THR C 52 7.35 -7.95 13.47
C THR C 52 6.80 -6.86 12.55
N ASN C 53 6.64 -7.21 11.28
CA ASN C 53 6.10 -6.30 10.29
C ASN C 53 4.70 -5.76 10.59
N LEU C 54 3.86 -6.54 11.26
CA LEU C 54 2.47 -6.12 11.44
C LEU C 54 2.32 -5.05 12.51
N TYR C 55 3.04 -5.22 13.61
CA TYR C 55 3.10 -4.18 14.63
C TYR C 55 3.65 -2.90 14.05
N ALA C 56 4.72 -3.02 13.24
CA ALA C 56 5.33 -1.87 12.57
C ALA C 56 4.34 -1.13 11.67
N LEU C 57 3.56 -1.88 10.89
CA LEU C 57 2.52 -1.31 10.04
C LEU C 57 1.38 -0.64 10.82
N LEU C 58 1.25 -0.96 12.10
CA LEU C 58 0.18 -0.37 12.90
C LEU C 58 0.55 1.01 13.39
N ILE C 59 1.85 1.29 13.41
CA ILE C 59 2.37 2.55 13.91
C ILE C 59 1.83 3.78 13.13
N PRO C 60 1.97 3.80 11.79
CA PRO C 60 1.35 4.97 11.14
C PRO C 60 -0.15 5.10 11.40
N LYS C 61 -0.83 3.99 11.67
CA LYS C 61 -2.28 4.00 11.88
C LYS C 61 -2.66 4.53 13.26
N MET C 62 -1.70 4.56 14.18
CA MET C 62 -1.92 5.08 15.52
C MET C 62 -2.06 6.60 15.51
N ASN C 63 -2.60 7.16 16.58
CA ASN C 63 -2.52 8.61 16.80
C ASN C 63 -1.65 8.95 18.03
N SER C 64 -2.08 8.52 19.21
CA SER C 64 -1.33 8.69 20.44
C SER C 64 0.10 8.13 20.34
N MET C 65 1.05 8.76 21.04
CA MET C 65 2.42 8.28 21.08
C MET C 65 2.64 7.20 22.16
N ASN C 66 1.66 7.00 23.04
CA ASN C 66 1.76 5.95 24.07
C ASN C 66 1.43 4.58 23.50
N ASP C 67 0.47 4.58 22.59
CA ASP C 67 0.15 3.41 21.79
C ASP C 67 1.38 3.01 20.97
N VAL C 68 2.04 4.00 20.36
CA VAL C 68 3.30 3.77 19.66
C VAL C 68 4.36 3.18 20.58
N LYS C 69 4.50 3.73 21.79
CA LYS C 69 5.51 3.24 22.72
C LYS C 69 5.32 1.75 22.99
N PHE C 70 4.05 1.34 23.00
CA PHE C 70 3.68 -0.06 23.14
C PHE C 70 4.12 -0.94 21.97
N LEU C 71 3.70 -0.56 20.76
CA LEU C 71 4.05 -1.29 19.53
C LEU C 71 5.56 -1.42 19.37
N VAL C 72 6.30 -0.38 19.74
CA VAL C 72 7.75 -0.41 19.70
C VAL C 72 8.28 -1.53 20.59
N GLU C 73 7.76 -1.56 21.81
CA GLU C 73 8.19 -2.52 22.82
C GLU C 73 7.93 -3.97 22.43
N GLN C 74 6.83 -4.22 21.73
CA GLN C 74 6.51 -5.57 21.28
C GLN C 74 7.50 -6.08 20.23
N ILE C 75 7.97 -5.17 19.38
CA ILE C 75 8.99 -5.49 18.40
C ILE C 75 10.37 -5.62 19.06
N GLU C 76 10.61 -4.78 20.06
CA GLU C 76 11.85 -4.83 20.82
C GLU C 76 11.87 -6.14 21.61
N PHE C 77 10.67 -6.55 22.03
CA PHE C 77 10.48 -7.85 22.65
C PHE C 77 10.80 -8.98 21.67
N MET C 78 10.13 -8.96 20.52
CA MET C 78 10.27 -10.03 19.51
C MET C 78 11.69 -10.25 18.99
N VAL C 79 12.49 -9.17 18.89
CA VAL C 79 13.91 -9.25 18.51
C VAL C 79 14.71 -10.24 19.36
N GLU C 80 14.51 -10.11 20.67
CA GLU C 80 15.42 -10.63 21.69
C GLU C 80 15.42 -12.15 21.95
N GLY C 81 14.42 -12.88 21.45
CA GLY C 81 14.02 -14.08 22.14
C GLY C 81 13.14 -13.68 23.33
N GLU C 82 13.40 -14.23 24.52
CA GLU C 82 12.37 -14.31 25.56
C GLU C 82 11.26 -15.14 24.91
N VAL C 83 11.61 -16.36 24.55
CA VAL C 83 10.63 -17.27 23.96
C VAL C 83 10.37 -18.36 24.97
N LEU C 84 10.20 -17.97 26.23
CA LEU C 84 10.13 -18.99 27.30
C LEU C 84 9.07 -20.11 27.14
N ALA C 85 7.91 -19.81 26.58
CA ALA C 85 6.95 -20.86 26.30
C ALA C 85 7.52 -21.86 25.31
N HIS C 86 8.36 -21.38 24.40
CA HIS C 86 8.98 -22.22 23.39
C HIS C 86 10.21 -22.95 23.95
N ASP C 87 10.90 -22.30 24.89
CA ASP C 87 12.00 -22.93 25.63
C ASP C 87 11.53 -24.20 26.36
N ILE C 88 10.31 -24.12 26.90
CA ILE C 88 9.65 -25.23 27.57
C ILE C 88 9.30 -26.35 26.59
N LEU C 89 8.71 -25.97 25.46
CA LEU C 89 8.29 -26.94 24.44
C LEU C 89 9.46 -27.70 23.83
N ALA C 90 10.61 -27.05 23.72
CA ALA C 90 11.75 -27.70 23.09
C ALA C 90 12.37 -28.76 24.00
N GLN C 91 12.19 -28.60 25.31
CA GLN C 91 12.64 -29.60 26.27
C GLN C 91 11.86 -30.91 26.10
N ILE C 92 10.60 -30.79 25.67
CA ILE C 92 9.78 -31.97 25.46
C ILE C 92 10.26 -32.79 24.25
N VAL C 93 10.65 -32.11 23.18
CA VAL C 93 11.25 -32.83 22.06
C VAL C 93 12.64 -33.33 22.45
N GLY C 94 13.32 -32.56 23.30
CA GLY C 94 14.64 -32.93 23.79
C GLY C 94 15.78 -32.30 23.01
N GLU C 95 15.49 -31.79 21.82
CA GLU C 95 16.44 -30.90 21.15
C GLU C 95 16.36 -29.46 21.68
N SER C 96 17.46 -28.71 21.57
CA SER C 96 17.44 -27.28 21.88
C SER C 96 16.59 -26.51 20.86
N TYR C 97 15.93 -25.43 21.30
CA TYR C 97 15.10 -24.60 20.42
C TYR C 97 15.81 -24.18 19.13
N GLU C 98 17.01 -23.63 19.27
CA GLU C 98 17.76 -23.14 18.10
C GLU C 98 18.03 -24.25 17.11
N GLU C 99 18.26 -25.45 17.63
CA GLU C 99 18.47 -26.62 16.79
C GLU C 99 17.22 -27.03 16.00
N ILE C 100 16.04 -26.87 16.62
CA ILE C 100 14.77 -27.21 15.96
C ILE C 100 14.40 -26.23 14.84
N ILE C 101 14.56 -24.94 15.10
CA ILE C 101 14.11 -23.94 14.14
C ILE C 101 15.12 -23.74 13.01
N LYS C 102 16.23 -24.47 13.03
CA LYS C 102 17.22 -24.34 11.95
C LYS C 102 16.59 -24.63 10.57
N THR C 103 15.62 -25.53 10.54
CA THR C 103 14.79 -25.72 9.37
C THR C 103 13.40 -25.09 9.64
N LYS C 104 13.08 -23.99 8.97
CA LYS C 104 11.74 -23.45 9.14
C LYS C 104 10.73 -24.20 8.27
N VAL C 105 9.46 -24.19 8.67
CA VAL C 105 8.43 -24.73 7.79
C VAL C 105 7.33 -23.68 7.56
N TRP C 106 6.66 -23.76 6.41
CA TRP C 106 5.77 -22.68 5.97
C TRP C 106 4.38 -23.14 5.52
N PRO C 107 3.61 -23.74 6.43
CA PRO C 107 2.36 -24.46 6.14
C PRO C 107 1.26 -23.58 5.56
N PRO C 108 0.40 -24.16 4.70
CA PRO C 108 -0.78 -23.49 4.14
C PRO C 108 -1.66 -22.80 5.20
N SER C 109 -1.84 -23.42 6.36
CA SER C 109 -2.62 -22.84 7.44
C SER C 109 -2.07 -21.51 7.97
N GLY C 110 -0.80 -21.51 8.34
CA GLY C 110 -0.11 -20.28 8.70
C GLY C 110 -0.21 -19.23 7.61
N ASP C 111 0.03 -19.67 6.37
CA ASP C 111 -0.03 -18.80 5.20
C ASP C 111 -1.33 -18.02 5.11
N HIS C 112 -2.44 -18.73 5.34
CA HIS C 112 -3.78 -18.15 5.31
C HIS C 112 -3.97 -17.17 6.47
N TYR C 113 -3.48 -17.52 7.68
CA TYR C 113 -3.51 -16.65 8.85
C TYR C 113 -2.78 -15.34 8.57
N ILE C 114 -1.50 -15.45 8.20
CA ILE C 114 -0.63 -14.30 7.95
C ILE C 114 -1.22 -13.32 6.92
N LYS C 115 -1.76 -13.88 5.85
CA LYS C 115 -2.19 -13.08 4.74
C LYS C 115 -3.48 -12.40 5.08
N HIS C 116 -4.28 -13.05 5.92
CA HIS C 116 -5.50 -12.45 6.46
C HIS C 116 -5.15 -11.21 7.29
N MET C 117 -4.09 -11.31 8.10
CA MET C 117 -3.67 -10.19 8.89
C MET C 117 -3.14 -9.08 8.03
N TYR C 118 -2.12 -9.40 7.21
CA TYR C 118 -1.57 -8.44 6.25
C TYR C 118 -2.66 -7.74 5.44
N PHE C 119 -3.69 -8.49 5.03
CA PHE C 119 -4.76 -7.88 4.25
C PHE C 119 -5.29 -6.65 4.98
N GLN C 120 -5.51 -6.79 6.29
CA GLN C 120 -6.01 -5.66 7.07
C GLN C 120 -4.98 -4.52 7.10
N ALA C 121 -3.71 -4.86 7.33
CA ALA C 121 -2.65 -3.84 7.42
C ALA C 121 -2.47 -3.08 6.11
N HIS C 122 -2.67 -3.80 5.00
CA HIS C 122 -2.58 -3.21 3.66
C HIS C 122 -3.84 -2.44 3.23
N SER C 123 -5.03 -3.03 3.36
CA SER C 123 -6.23 -2.40 2.78
C SER C 123 -7.12 -1.55 3.68
N ARG C 124 -6.94 -1.59 5.00
CA ARG C 124 -7.83 -0.82 5.90
C ARG C 124 -7.11 0.32 6.64
N GLU C 125 -7.61 1.55 6.47
CA GLU C 125 -7.02 2.74 7.10
C GLU C 125 -6.99 2.65 8.62
N ASN C 126 -8.16 2.34 9.19
CA ASN C 126 -8.36 2.27 10.64
C ASN C 126 -7.62 1.09 11.26
N ALA C 127 -6.88 1.33 12.34
CA ALA C 127 -6.11 0.24 12.99
C ALA C 127 -6.98 -0.92 13.48
N ILE C 128 -8.23 -0.63 13.82
CA ILE C 128 -9.08 -1.63 14.48
C ILE C 128 -9.15 -2.98 13.78
N TYR C 129 -8.99 -3.00 12.45
CA TYR C 129 -9.08 -4.24 11.70
C TYR C 129 -7.84 -5.08 11.91
N THR C 130 -6.66 -4.46 11.85
CA THR C 130 -5.39 -5.18 11.99
C THR C 130 -5.23 -5.69 13.43
N ILE C 131 -5.71 -4.87 14.38
CA ILE C 131 -5.77 -5.27 15.81
C ILE C 131 -6.78 -6.42 16.02
N ALA C 132 -8.01 -6.25 15.54
CA ALA C 132 -8.98 -7.33 15.56
C ALA C 132 -8.34 -8.62 15.02
N ALA C 133 -7.61 -8.53 13.92
CA ALA C 133 -7.01 -9.74 13.32
C ALA C 133 -5.91 -10.40 14.18
N MET C 134 -5.15 -9.60 14.95
CA MET C 134 -4.10 -10.17 15.80
C MET C 134 -4.53 -10.48 17.24
N ALA C 135 -5.67 -9.94 17.65
CA ALA C 135 -6.17 -10.07 19.02
C ALA C 135 -6.45 -11.52 19.47
N PRO C 136 -7.06 -12.35 18.59
CA PRO C 136 -7.33 -13.71 19.06
C PRO C 136 -6.14 -14.45 19.63
N CME C 137 -4.96 -14.12 19.13
CA CME C 137 -3.72 -14.76 19.63
CB CME C 137 -2.59 -14.02 18.96
SG CME C 137 -1.62 -15.41 18.53
SD CME C 137 -0.54 -15.77 20.17
CE CME C 137 1.21 -15.61 19.79
CZ CME C 137 2.00 -16.44 20.82
OH CME C 137 1.07 -16.98 21.77
C CME C 137 -3.46 -14.72 21.11
O CME C 137 -3.29 -15.79 21.70
N PRO C 138 -3.36 -13.52 21.73
CA PRO C 138 -3.09 -13.67 23.15
C PRO C 138 -4.34 -14.14 23.91
N TYR C 139 -5.51 -13.75 23.41
CA TYR C 139 -6.72 -13.93 24.20
C TYR C 139 -7.08 -15.41 24.28
N ILE C 140 -6.97 -16.08 23.14
CA ILE C 140 -7.29 -17.50 23.04
C ILE C 140 -6.33 -18.34 23.87
N TYR C 141 -5.03 -18.10 23.70
CA TYR C 141 -4.01 -18.81 24.45
C TYR C 141 -4.25 -18.66 25.95
N ALA C 142 -4.72 -17.48 26.34
CA ALA C 142 -4.91 -17.16 27.74
C ALA C 142 -6.07 -17.99 28.30
N GLU C 143 -7.21 -17.88 27.61
CA GLU C 143 -8.44 -18.58 27.96
C GLU C 143 -8.30 -20.08 28.12
N LEU C 144 -7.66 -20.72 27.14
CA LEU C 144 -7.47 -22.15 27.17
C LEU C 144 -6.66 -22.53 28.39
N ALA C 145 -5.55 -21.83 28.58
CA ALA C 145 -4.69 -22.05 29.75
C ALA C 145 -5.39 -21.70 31.06
N LYS C 146 -6.29 -20.73 31.07
CA LYS C 146 -7.05 -20.51 32.29
C LYS C 146 -7.89 -21.74 32.55
N ARG C 147 -8.52 -22.24 31.48
CA ARG C 147 -9.42 -23.39 31.61
C ARG C 147 -8.67 -24.58 32.19
N SER C 148 -7.43 -24.77 31.76
CA SER C 148 -6.65 -25.93 32.19
C SER C 148 -6.43 -25.97 33.72
N GLN C 149 -6.46 -24.81 34.36
CA GLN C 149 -6.21 -24.73 35.81
C GLN C 149 -7.37 -25.25 36.68
N SER C 150 -8.60 -25.22 36.15
CA SER C 150 -9.79 -25.82 36.79
C SER C 150 -10.08 -27.23 36.29
N ASP C 151 -9.21 -27.74 35.41
CA ASP C 151 -9.48 -28.99 34.70
C ASP C 151 -8.63 -30.14 35.23
N HIS C 152 -9.32 -31.18 35.69
CA HIS C 152 -8.70 -32.32 36.36
C HIS C 152 -7.92 -33.21 35.41
N LYS C 153 -8.14 -33.06 34.11
CA LYS C 153 -7.44 -33.87 33.11
C LYS C 153 -5.94 -33.54 33.05
N LEU C 154 -5.58 -32.33 33.48
CA LEU C 154 -4.24 -31.79 33.30
C LEU C 154 -3.19 -32.54 34.10
N ASN C 155 -2.15 -33.01 33.43
CA ASN C 155 -1.17 -33.85 34.08
C ASN C 155 -0.05 -32.97 34.60
N ARG C 156 -0.02 -32.80 35.92
CA ARG C 156 0.96 -31.91 36.52
C ARG C 156 2.27 -32.65 36.77
N GLU C 157 2.28 -33.94 36.44
CA GLU C 157 3.45 -34.80 36.59
C GLU C 157 4.22 -34.87 35.29
N LYS C 158 3.73 -34.15 34.28
CA LYS C 158 4.42 -34.00 33.01
C LYS C 158 4.82 -32.55 32.84
N ASP C 159 5.88 -32.30 32.06
CA ASP C 159 6.42 -30.95 31.87
C ASP C 159 5.51 -30.06 31.02
N THR C 160 4.48 -30.66 30.44
CA THR C 160 3.59 -29.97 29.51
C THR C 160 2.67 -28.99 30.23
N ALA C 161 2.53 -29.15 31.54
CA ALA C 161 1.62 -28.32 32.31
C ALA C 161 2.27 -26.97 32.60
N LYS C 162 3.59 -26.89 32.36
CA LYS C 162 4.29 -25.63 32.53
C LYS C 162 3.92 -24.65 31.41
N TRP C 163 3.52 -25.22 30.27
CA TRP C 163 3.01 -24.45 29.14
C TRP C 163 1.76 -23.67 29.56
N PHE C 164 0.79 -24.40 30.10
CA PHE C 164 -0.46 -23.79 30.54
C PHE C 164 -0.24 -22.79 31.66
N ASP C 165 0.71 -23.04 32.56
CA ASP C 165 0.94 -22.11 33.67
C ASP C 165 1.41 -20.74 33.15
N PHE C 166 2.29 -20.78 32.15
CA PHE C 166 2.82 -19.59 31.49
C PHE C 166 1.71 -18.75 30.85
N TYR C 167 0.84 -19.43 30.10
CA TYR C 167 -0.17 -18.74 29.31
C TYR C 167 -1.40 -18.38 30.13
N SER C 168 -1.41 -18.78 31.39
CA SER C 168 -2.52 -18.40 32.29
C SER C 168 -2.30 -16.98 32.84
N THR C 169 -1.09 -16.47 32.65
CA THR C 169 -0.58 -15.26 33.30
C THR C 169 0.02 -14.24 32.31
N GLU C 170 1.03 -14.70 31.57
CA GLU C 170 1.93 -13.81 30.82
C GLU C 170 1.34 -13.13 29.58
N MET C 171 0.10 -13.45 29.21
CA MET C 171 -0.48 -12.73 28.08
C MET C 171 -1.31 -11.53 28.52
N ASP C 172 -1.63 -11.47 29.81
CA ASP C 172 -2.65 -10.57 30.36
C ASP C 172 -2.43 -9.07 30.12
N ASP C 173 -1.15 -8.67 30.05
CA ASP C 173 -0.85 -7.25 29.79
C ASP C 173 -1.19 -6.89 28.35
N ILE C 174 -0.77 -7.72 27.40
CA ILE C 174 -1.02 -7.42 25.98
C ILE C 174 -2.51 -7.51 25.61
N ILE C 175 -3.26 -8.36 26.30
CA ILE C 175 -4.71 -8.43 26.09
C ILE C 175 -5.41 -7.15 26.49
N ASN C 176 -5.00 -6.56 27.62
CA ASN C 176 -5.60 -5.30 28.06
C ASN C 176 -5.35 -4.19 27.07
N VAL C 177 -4.11 -4.13 26.58
CA VAL C 177 -3.74 -3.08 25.64
C VAL C 177 -4.70 -3.14 24.46
N PHE C 178 -4.72 -4.31 23.83
CA PHE C 178 -5.58 -4.58 22.67
C PHE C 178 -7.04 -4.27 22.95
N GLU C 179 -7.51 -4.68 24.13
CA GLU C 179 -8.86 -4.43 24.61
C GLU C 179 -9.22 -2.93 24.71
N SER C 180 -8.29 -2.14 25.25
CA SER C 180 -8.44 -0.67 25.29
C SER C 180 -8.63 -0.13 23.88
N LEU C 181 -7.68 -0.49 23.01
CA LEU C 181 -7.63 0.00 21.65
C LEU C 181 -8.93 -0.28 20.91
N MET C 182 -9.37 -1.54 20.87
CA MET C 182 -10.57 -1.86 20.11
C MET C 182 -11.78 -1.11 20.62
N ASN C 183 -11.93 -1.10 21.94
CA ASN C 183 -13.02 -0.38 22.61
C ASN C 183 -13.04 1.11 22.30
N LYS C 184 -11.87 1.74 22.31
CA LYS C 184 -11.76 3.17 22.01
C LYS C 184 -12.03 3.47 20.53
N LEU C 185 -11.52 2.64 19.63
CA LEU C 185 -11.78 2.82 18.20
C LEU C 185 -13.25 2.58 17.84
N ALA C 186 -13.88 1.56 18.41
CA ALA C 186 -15.29 1.25 18.09
C ALA C 186 -16.32 2.36 18.40
N GLU C 187 -16.02 3.23 19.37
CA GLU C 187 -16.97 4.27 19.78
C GLU C 187 -17.53 5.07 18.59
N SER C 188 -16.64 5.47 17.69
CA SER C 188 -16.98 6.30 16.53
C SER C 188 -17.50 5.55 15.29
N MET C 189 -17.71 4.25 15.39
CA MET C 189 -18.00 3.45 14.20
C MET C 189 -19.42 2.92 14.14
N SER C 190 -19.93 2.74 12.93
CA SER C 190 -21.31 2.25 12.77
C SER C 190 -21.44 0.77 13.06
N ASP C 191 -22.68 0.29 13.06
CA ASP C 191 -22.97 -1.10 13.37
C ASP C 191 -22.47 -2.00 12.25
N LYS C 192 -22.55 -1.46 11.03
CA LYS C 192 -22.19 -2.18 9.82
C LYS C 192 -20.69 -2.42 9.83
N GLU C 193 -19.92 -1.37 10.08
CA GLU C 193 -18.46 -1.49 10.16
C GLU C 193 -18.04 -2.53 11.20
N LEU C 194 -18.66 -2.47 12.38
CA LEU C 194 -18.31 -3.38 13.48
C LEU C 194 -18.69 -4.83 13.17
N GLU C 195 -19.70 -4.99 12.33
CA GLU C 195 -19.98 -6.31 11.79
C GLU C 195 -18.80 -6.86 10.99
N GLN C 196 -18.05 -5.98 10.32
CA GLN C 196 -16.89 -6.44 9.57
C GLN C 196 -15.73 -6.75 10.49
N VAL C 197 -15.52 -5.86 11.47
CA VAL C 197 -14.44 -6.02 12.47
C VAL C 197 -14.61 -7.32 13.27
N LYS C 198 -15.84 -7.63 13.68
CA LYS C 198 -16.15 -8.87 14.38
C LYS C 198 -15.82 -10.10 13.52
N GLN C 199 -16.26 -10.07 12.26
CA GLN C 199 -15.92 -11.11 11.26
C GLN C 199 -14.39 -11.29 11.12
N VAL C 200 -13.64 -10.18 11.01
CA VAL C 200 -12.18 -10.27 10.99
C VAL C 200 -11.65 -11.00 12.25
N PHE C 201 -12.18 -10.60 13.41
CA PHE C 201 -11.80 -11.22 14.69
C PHE C 201 -12.05 -12.74 14.72
N LEU C 202 -13.28 -13.14 14.39
CA LEU C 202 -13.66 -14.54 14.46
C LEU C 202 -12.83 -15.39 13.49
N GLU C 203 -12.47 -14.85 12.32
CA GLU C 203 -11.66 -15.62 11.38
C GLU C 203 -10.31 -16.02 12.01
N SER C 204 -9.65 -15.09 12.69
CA SER C 204 -8.37 -15.38 13.31
C SER C 204 -8.55 -16.41 14.42
N CYS C 205 -9.72 -16.37 15.06
CA CYS C 205 -10.07 -17.44 15.99
C CYS C 205 -10.01 -18.80 15.27
N ILE C 206 -10.78 -18.94 14.19
CA ILE C 206 -10.65 -20.10 13.30
C ILE C 206 -9.18 -20.36 12.87
N HIS C 207 -8.48 -19.31 12.46
CA HIS C 207 -7.09 -19.49 12.06
C HIS C 207 -6.27 -20.04 13.21
N GLU C 208 -6.61 -19.63 14.43
CA GLU C 208 -5.92 -20.17 15.58
C GLU C 208 -6.12 -21.67 15.68
N ARG C 209 -7.36 -22.14 15.51
CA ARG C 209 -7.66 -23.57 15.57
C ARG C 209 -6.92 -24.34 14.49
N ARG C 210 -6.96 -23.83 13.27
CA ARG C 210 -6.24 -24.46 12.17
C ARG C 210 -4.73 -24.44 12.37
N PHE C 211 -4.22 -23.48 13.14
CA PHE C 211 -2.81 -23.44 13.37
C PHE C 211 -2.39 -24.64 14.19
N PHE C 212 -3.15 -24.89 15.26
CA PHE C 212 -2.95 -26.04 16.12
C PHE C 212 -3.12 -27.32 15.30
N ASN C 213 -4.29 -27.45 14.67
CA ASN C 213 -4.60 -28.63 13.87
C ASN C 213 -3.49 -28.98 12.86
N MET C 214 -2.88 -27.95 12.28
CA MET C 214 -1.81 -28.15 11.32
C MET C 214 -0.56 -28.79 11.92
N ALA C 215 -0.21 -28.44 13.15
CA ALA C 215 0.96 -29.07 13.78
C ALA C 215 0.66 -30.56 13.97
N MET C 216 -0.56 -30.86 14.40
CA MET C 216 -1.05 -32.23 14.57
C MET C 216 -1.01 -33.07 13.29
N THR C 217 -1.40 -32.44 12.19
CA THR C 217 -1.54 -33.12 10.91
C THR C 217 -0.29 -32.98 10.05
N LEU C 218 0.77 -32.42 10.63
CA LEU C 218 2.02 -32.15 9.89
C LEU C 218 1.84 -31.42 8.55
N GLU C 219 0.88 -30.48 8.48
CA GLU C 219 0.39 -29.92 7.20
C GLU C 219 1.50 -29.24 6.36
N GLN C 220 1.39 -29.40 5.04
CA GLN C 220 2.31 -28.76 4.09
C GLN C 220 1.76 -28.62 2.65
N TRP C 221 2.46 -27.83 1.81
CA TRP C 221 2.08 -27.75 0.41
C TRP C 221 2.51 -29.01 -0.34
N GLU C 222 1.55 -29.76 -0.88
CA GLU C 222 1.95 -30.91 -1.66
C GLU C 222 1.92 -30.51 -3.14
N PHE C 223 3.10 -30.21 -3.66
CA PHE C 223 3.22 -29.83 -5.06
C PHE C 223 3.32 -31.10 -5.91
N GLY C 224 4.08 -32.08 -5.41
CA GLY C 224 4.13 -33.41 -5.99
C GLY C 224 2.88 -34.22 -5.65
N MET D 1 14.82 -23.87 -20.31
CA MET D 1 13.75 -23.53 -21.23
C MET D 1 13.15 -22.14 -20.94
N GLU D 2 11.92 -21.93 -21.38
CA GLU D 2 11.21 -20.67 -21.11
CA GLU D 2 11.21 -20.68 -21.12
C GLU D 2 10.57 -20.76 -19.73
N PHE D 3 10.52 -19.63 -19.03
CA PHE D 3 10.07 -19.62 -17.63
C PHE D 3 8.65 -20.08 -17.39
N SER D 4 7.71 -19.63 -18.23
CA SER D 4 6.31 -20.00 -18.00
C SER D 4 6.10 -21.50 -18.18
N GLN D 5 6.91 -22.11 -19.04
CA GLN D 5 6.89 -23.56 -19.23
C GLN D 5 7.50 -24.29 -18.03
N LYS D 6 8.53 -23.71 -17.41
CA LYS D 6 9.08 -24.28 -16.18
C LYS D 6 8.00 -24.40 -15.11
N LEU D 7 7.05 -23.45 -15.13
CA LEU D 7 5.93 -23.43 -14.20
C LEU D 7 5.01 -24.60 -14.48
N TYR D 8 4.69 -24.75 -15.75
CA TYR D 8 3.76 -25.77 -16.22
C TYR D 8 4.23 -27.19 -15.87
N GLN D 9 5.54 -27.41 -15.88
CA GLN D 9 6.08 -28.72 -15.59
C GLN D 9 5.91 -29.06 -14.11
N ALA D 10 6.21 -28.09 -13.25
CA ALA D 10 6.03 -28.21 -11.79
C ALA D 10 4.54 -28.38 -11.39
N ALA D 11 3.64 -27.80 -12.20
CA ALA D 11 2.20 -27.85 -11.95
C ALA D 11 1.54 -29.20 -12.29
N LYS D 12 2.28 -30.11 -12.90
CA LYS D 12 1.72 -31.36 -13.41
C LYS D 12 1.10 -32.27 -12.34
N PRO D 13 1.84 -32.59 -11.25
CA PRO D 13 1.23 -33.50 -10.27
C PRO D 13 -0.02 -32.92 -9.63
N ILE D 14 -0.14 -31.59 -9.60
CA ILE D 14 -1.31 -30.93 -9.01
C ILE D 14 -2.55 -31.05 -9.90
N ILE D 15 -2.40 -30.70 -11.18
CA ILE D 15 -3.48 -30.85 -12.15
C ILE D 15 -3.88 -32.32 -12.24
N ASN D 16 -2.90 -33.20 -12.07
CA ASN D 16 -3.14 -34.62 -11.92
C ASN D 16 -3.99 -34.91 -10.69
N ASP D 17 -3.58 -34.40 -9.53
CA ASP D 17 -4.36 -34.54 -8.30
C ASP D 17 -5.72 -33.84 -8.37
N ILE D 18 -5.87 -32.81 -9.20
CA ILE D 18 -7.15 -32.10 -9.36
C ILE D 18 -8.08 -32.92 -10.24
N TYR D 19 -7.48 -33.56 -11.24
CA TYR D 19 -8.24 -34.34 -12.21
C TYR D 19 -8.82 -35.57 -11.53
N GLU D 20 -8.02 -36.24 -10.70
CA GLU D 20 -8.49 -37.42 -9.99
C GLU D 20 -9.28 -37.10 -8.73
N ASP D 21 -9.36 -35.82 -8.36
CA ASP D 21 -10.19 -35.41 -7.22
C ASP D 21 -11.68 -35.48 -7.57
N ASP D 22 -12.54 -35.20 -6.58
CA ASP D 22 -13.95 -35.56 -6.67
C ASP D 22 -14.74 -34.67 -7.64
N PHE D 23 -14.40 -33.40 -7.74
CA PHE D 23 -15.16 -32.50 -8.62
C PHE D 23 -15.02 -32.92 -10.09
N ILE D 24 -13.78 -32.96 -10.56
CA ILE D 24 -13.48 -33.29 -11.96
C ILE D 24 -13.98 -34.69 -12.33
N GLN D 25 -13.62 -35.69 -11.53
CA GLN D 25 -14.07 -37.06 -11.72
C GLN D 25 -15.58 -37.11 -11.89
N LYS D 26 -16.30 -36.50 -10.95
CA LYS D 26 -17.76 -36.44 -10.99
C LYS D 26 -18.34 -35.63 -12.16
N MET D 27 -17.68 -34.54 -12.54
CA MET D 27 -18.11 -33.81 -13.73
C MET D 27 -17.92 -34.72 -14.93
N LEU D 28 -16.79 -35.44 -14.94
CA LEU D 28 -16.43 -36.32 -16.06
C LEU D 28 -17.52 -37.36 -16.36
N LEU D 29 -17.90 -38.16 -15.36
CA LEU D 29 -18.84 -39.26 -15.57
C LEU D 29 -20.34 -38.87 -15.44
N GLY D 30 -20.62 -37.57 -15.24
CA GLY D 30 -21.99 -37.07 -15.27
C GLY D 30 -22.75 -37.17 -13.96
N ASN D 31 -22.14 -37.82 -12.95
CA ASN D 31 -22.82 -38.14 -11.68
C ASN D 31 -22.83 -37.05 -10.59
N ILE D 32 -22.27 -35.88 -10.88
CA ILE D 32 -22.09 -34.81 -9.88
C ILE D 32 -23.41 -34.12 -9.48
N GLN D 33 -23.68 -34.07 -8.18
CA GLN D 33 -24.98 -33.57 -7.66
C GLN D 33 -25.08 -32.05 -7.59
N ALA D 34 -26.29 -31.52 -7.78
CA ALA D 34 -26.50 -30.07 -7.91
C ALA D 34 -26.22 -29.25 -6.66
N ASP D 35 -26.06 -29.93 -5.51
CA ASP D 35 -25.69 -29.24 -4.28
C ASP D 35 -24.25 -28.70 -4.29
N ALA D 36 -23.30 -29.56 -4.64
CA ALA D 36 -21.91 -29.14 -4.78
C ALA D 36 -21.79 -27.98 -5.77
N LEU D 37 -22.43 -28.13 -6.94
CA LEU D 37 -22.36 -27.14 -8.00
C LEU D 37 -22.95 -25.78 -7.59
N ARG D 38 -23.89 -25.79 -6.66
CA ARG D 38 -24.44 -24.55 -6.13
C ARG D 38 -23.41 -23.76 -5.34
N HIS D 39 -22.67 -24.47 -4.50
CA HIS D 39 -21.63 -23.84 -3.69
C HIS D 39 -20.57 -23.18 -4.58
N TYR D 40 -20.18 -23.87 -5.64
CA TYR D 40 -19.15 -23.39 -6.55
C TYR D 40 -19.56 -22.07 -7.23
N LEU D 41 -20.84 -21.93 -7.51
CA LEU D 41 -21.33 -20.78 -8.26
C LEU D 41 -21.45 -19.55 -7.39
N GLN D 42 -21.96 -19.75 -6.19
CA GLN D 42 -22.28 -18.65 -5.29
C GLN D 42 -21.00 -17.93 -4.87
N ALA D 43 -19.95 -18.72 -4.71
CA ALA D 43 -18.64 -18.24 -4.31
C ALA D 43 -17.93 -17.48 -5.44
N ASP D 44 -17.92 -18.07 -6.62
CA ASP D 44 -17.36 -17.45 -7.81
C ASP D 44 -17.97 -16.07 -8.01
N ALA D 45 -19.29 -15.98 -7.87
CA ALA D 45 -19.99 -14.71 -8.03
C ALA D 45 -19.58 -13.73 -6.93
N ALA D 46 -19.38 -14.26 -5.72
CA ALA D 46 -19.04 -13.46 -4.55
C ALA D 46 -17.65 -12.84 -4.66
N TYR D 47 -16.74 -13.55 -5.32
CA TYR D 47 -15.36 -13.10 -5.46
C TYR D 47 -15.18 -12.34 -6.75
N LEU D 48 -16.28 -12.13 -7.46
CA LEU D 48 -16.22 -11.49 -8.76
C LEU D 48 -15.49 -10.17 -8.66
N LYS D 49 -16.07 -9.24 -7.91
CA LYS D 49 -15.54 -7.87 -7.81
C LYS D 49 -14.12 -7.82 -7.25
N GLU D 50 -13.64 -8.93 -6.69
CA GLU D 50 -12.27 -8.96 -6.23
C GLU D 50 -11.32 -9.10 -7.41
N PHE D 51 -11.63 -10.03 -8.31
CA PHE D 51 -10.89 -10.21 -9.55
C PHE D 51 -10.82 -8.91 -10.36
N THR D 52 -11.95 -8.21 -10.46
CA THR D 52 -11.99 -6.91 -11.13
C THR D 52 -10.96 -5.98 -10.53
N ASN D 53 -10.90 -5.95 -9.20
CA ASN D 53 -10.00 -5.08 -8.48
C ASN D 53 -8.53 -5.44 -8.67
N LEU D 54 -8.25 -6.71 -8.97
CA LEU D 54 -6.87 -7.13 -9.09
C LEU D 54 -6.25 -6.72 -10.42
N TYR D 55 -7.07 -6.74 -11.46
CA TYR D 55 -6.64 -6.28 -12.78
C TYR D 55 -6.32 -4.79 -12.75
N ALA D 56 -7.13 -4.02 -12.04
CA ALA D 56 -6.88 -2.60 -11.92
C ALA D 56 -5.64 -2.31 -11.09
N LEU D 57 -5.30 -3.21 -10.18
CA LEU D 57 -4.11 -3.04 -9.35
C LEU D 57 -2.85 -3.44 -10.11
N LEU D 58 -3.07 -4.13 -11.22
CA LEU D 58 -2.00 -4.55 -12.11
C LEU D 58 -1.55 -3.38 -12.98
N ILE D 59 -2.49 -2.48 -13.29
CA ILE D 59 -2.20 -1.36 -14.18
C ILE D 59 -1.00 -0.46 -13.77
N PRO D 60 -0.96 0.04 -12.53
CA PRO D 60 0.26 0.79 -12.16
C PRO D 60 1.55 -0.05 -12.19
N LYS D 61 1.42 -1.38 -12.23
CA LYS D 61 2.59 -2.25 -12.31
C LYS D 61 3.05 -2.43 -13.76
N MET D 62 2.24 -1.96 -14.70
CA MET D 62 2.57 -2.12 -16.11
C MET D 62 3.59 -1.12 -16.58
N ASN D 63 3.98 -1.28 -17.84
CA ASN D 63 4.81 -0.30 -18.55
C ASN D 63 4.19 0.02 -19.90
N SER D 64 4.24 -0.98 -20.79
CA SER D 64 3.52 -0.89 -22.07
C SER D 64 2.05 -0.61 -21.88
N MET D 65 1.54 0.37 -22.63
CA MET D 65 0.12 0.66 -22.63
C MET D 65 -0.68 -0.39 -23.42
N ASN D 66 0.01 -1.26 -24.16
CA ASN D 66 -0.69 -2.36 -24.84
C ASN D 66 -1.19 -3.39 -23.83
N ASP D 67 -0.41 -3.57 -22.75
CA ASP D 67 -0.79 -4.46 -21.67
C ASP D 67 -1.91 -3.85 -20.81
N VAL D 68 -1.88 -2.53 -20.65
CA VAL D 68 -2.94 -1.82 -19.92
C VAL D 68 -4.28 -1.95 -20.63
N LYS D 69 -4.24 -1.86 -21.96
CA LYS D 69 -5.44 -2.00 -22.80
C LYS D 69 -6.13 -3.34 -22.51
N PHE D 70 -5.30 -4.40 -22.45
CA PHE D 70 -5.78 -5.75 -22.17
C PHE D 70 -6.40 -5.91 -20.79
N LEU D 71 -5.80 -5.26 -19.80
CA LEU D 71 -6.35 -5.32 -18.45
C LEU D 71 -7.71 -4.63 -18.40
N VAL D 72 -7.87 -3.55 -19.16
CA VAL D 72 -9.17 -2.89 -19.28
C VAL D 72 -10.18 -3.86 -19.86
N GLU D 73 -9.78 -4.53 -20.93
CA GLU D 73 -10.63 -5.50 -21.62
C GLU D 73 -11.11 -6.64 -20.68
N GLN D 74 -10.21 -7.21 -19.88
CA GLN D 74 -10.62 -8.23 -18.91
C GLN D 74 -11.55 -7.72 -17.80
N ILE D 75 -11.25 -6.53 -17.29
CA ILE D 75 -12.17 -5.79 -16.43
C ILE D 75 -13.50 -5.53 -17.16
N GLU D 76 -13.42 -5.14 -18.43
CA GLU D 76 -14.59 -4.92 -19.27
C GLU D 76 -15.45 -6.20 -19.34
N PHE D 77 -14.79 -7.33 -19.59
CA PHE D 77 -15.48 -8.60 -19.89
C PHE D 77 -16.30 -9.08 -18.70
N MET D 78 -15.73 -8.94 -17.50
CA MET D 78 -16.38 -9.41 -16.27
C MET D 78 -17.61 -8.57 -15.91
N VAL D 79 -17.49 -7.25 -16.00
CA VAL D 79 -18.60 -6.34 -15.71
C VAL D 79 -19.74 -6.47 -16.75
N GLU D 80 -19.37 -6.97 -17.92
CA GLU D 80 -20.27 -7.05 -19.07
C GLU D 80 -21.11 -8.32 -18.97
N GLY D 81 -20.93 -9.05 -17.86
CA GLY D 81 -21.68 -10.29 -17.59
C GLY D 81 -21.35 -11.43 -18.53
N GLU D 82 -22.39 -12.10 -19.01
CA GLU D 82 -22.29 -13.13 -20.07
C GLU D 82 -21.31 -14.27 -19.72
N VAL D 83 -21.70 -15.08 -18.73
CA VAL D 83 -20.89 -16.22 -18.31
C VAL D 83 -21.50 -17.50 -18.84
N LEU D 84 -20.83 -18.06 -19.85
CA LEU D 84 -21.37 -19.14 -20.66
C LEU D 84 -21.25 -20.50 -19.99
N ALA D 85 -20.10 -20.74 -19.37
CA ALA D 85 -19.86 -21.99 -18.65
C ALA D 85 -20.69 -22.03 -17.39
N HIS D 86 -21.15 -20.87 -16.97
CA HIS D 86 -21.98 -20.74 -15.78
C HIS D 86 -23.42 -21.14 -16.04
N ASP D 87 -23.90 -20.85 -17.23
CA ASP D 87 -25.26 -21.24 -17.58
C ASP D 87 -25.36 -22.75 -17.87
N ILE D 88 -24.23 -23.36 -18.22
CA ILE D 88 -24.16 -24.80 -18.43
C ILE D 88 -24.24 -25.52 -17.08
N LEU D 89 -23.68 -24.87 -16.06
CA LEU D 89 -23.78 -25.35 -14.69
C LEU D 89 -25.15 -25.01 -14.13
N ALA D 90 -25.70 -23.89 -14.59
CA ALA D 90 -27.06 -23.49 -14.24
C ALA D 90 -28.09 -24.48 -14.80
N GLN D 91 -27.72 -25.13 -15.91
CA GLN D 91 -28.60 -26.09 -16.57
C GLN D 91 -28.69 -27.40 -15.81
N ILE D 92 -27.55 -27.88 -15.33
CA ILE D 92 -27.46 -29.15 -14.61
C ILE D 92 -28.26 -29.14 -13.30
N VAL D 93 -28.16 -28.04 -12.56
CA VAL D 93 -28.97 -27.83 -11.36
C VAL D 93 -30.43 -27.54 -11.73
N GLY D 94 -30.61 -26.82 -12.84
CA GLY D 94 -31.94 -26.54 -13.35
C GLY D 94 -32.62 -25.31 -12.77
N GLU D 95 -31.83 -24.38 -12.26
CA GLU D 95 -32.31 -23.05 -11.86
C GLU D 95 -31.40 -22.02 -12.52
N SER D 96 -31.94 -20.83 -12.83
CA SER D 96 -31.14 -19.82 -13.54
C SER D 96 -29.88 -19.43 -12.75
N TYR D 97 -28.82 -19.04 -13.48
CA TYR D 97 -27.59 -18.58 -12.85
C TYR D 97 -27.79 -17.41 -11.85
N GLU D 98 -28.47 -16.34 -12.27
CA GLU D 98 -28.71 -15.18 -11.38
C GLU D 98 -29.54 -15.49 -10.11
N GLU D 99 -30.53 -16.36 -10.23
CA GLU D 99 -31.34 -16.74 -9.06
C GLU D 99 -30.52 -17.49 -7.99
N ILE D 100 -29.61 -18.36 -8.45
CA ILE D 100 -28.75 -19.16 -7.57
C ILE D 100 -27.82 -18.28 -6.72
N ILE D 101 -27.25 -17.27 -7.38
CA ILE D 101 -26.26 -16.40 -6.76
C ILE D 101 -26.87 -15.23 -5.98
N LYS D 102 -28.20 -15.15 -5.91
CA LYS D 102 -28.86 -14.17 -5.04
C LYS D 102 -28.40 -14.39 -3.60
N THR D 103 -28.14 -15.66 -3.28
CA THR D 103 -27.42 -16.06 -2.07
C THR D 103 -25.92 -16.19 -2.40
N LYS D 104 -25.06 -15.69 -1.50
CA LYS D 104 -23.63 -15.74 -1.74
C LYS D 104 -22.85 -16.40 -0.61
N VAL D 105 -21.68 -16.92 -0.93
CA VAL D 105 -20.83 -17.61 0.04
C VAL D 105 -19.40 -17.09 0.00
N TRP D 106 -18.80 -16.96 1.18
CA TRP D 106 -17.40 -16.55 1.30
C TRP D 106 -16.61 -17.55 2.12
N PRO D 107 -16.37 -18.74 1.55
CA PRO D 107 -15.75 -19.87 2.25
C PRO D 107 -14.27 -19.62 2.55
N PRO D 108 -13.75 -20.25 3.63
CA PRO D 108 -12.36 -20.10 4.07
C PRO D 108 -11.35 -20.36 2.97
N SER D 109 -11.73 -21.17 1.98
CA SER D 109 -10.83 -21.45 0.86
C SER D 109 -10.74 -20.30 -0.13
N GLY D 110 -11.89 -19.78 -0.55
CA GLY D 110 -11.93 -18.64 -1.45
C GLY D 110 -11.27 -17.43 -0.82
N ASP D 111 -11.51 -17.27 0.47
CA ASP D 111 -10.87 -16.25 1.28
C ASP D 111 -9.35 -16.40 1.23
N HIS D 112 -8.85 -17.61 1.45
CA HIS D 112 -7.41 -17.89 1.35
C HIS D 112 -6.87 -17.62 -0.07
N TYR D 113 -7.67 -17.94 -1.10
CA TYR D 113 -7.26 -17.69 -2.48
C TYR D 113 -7.17 -16.18 -2.76
N ILE D 114 -8.18 -15.44 -2.29
CA ILE D 114 -8.29 -14.03 -2.61
C ILE D 114 -7.21 -13.21 -1.94
N LYS D 115 -6.84 -13.62 -0.74
CA LYS D 115 -5.84 -12.87 -0.01
C LYS D 115 -4.41 -13.19 -0.48
N HIS D 116 -4.19 -14.41 -0.96
CA HIS D 116 -2.94 -14.74 -1.68
C HIS D 116 -2.71 -13.81 -2.91
N MET D 117 -3.73 -13.61 -3.74
CA MET D 117 -3.59 -12.71 -4.88
C MET D 117 -3.35 -11.26 -4.41
N TYR D 118 -4.14 -10.82 -3.44
CA TYR D 118 -4.04 -9.47 -2.88
C TYR D 118 -2.72 -9.19 -2.16
N PHE D 119 -2.13 -10.20 -1.56
CA PHE D 119 -0.85 -9.99 -0.91
C PHE D 119 0.18 -9.59 -2.00
N GLN D 120 0.14 -10.30 -3.13
CA GLN D 120 1.05 -9.99 -4.25
C GLN D 120 0.85 -8.60 -4.82
N ALA D 121 -0.41 -8.16 -4.93
CA ALA D 121 -0.70 -6.86 -5.55
C ALA D 121 -0.47 -5.69 -4.58
N HIS D 122 -0.62 -5.96 -3.28
CA HIS D 122 -0.28 -5.00 -2.23
C HIS D 122 1.22 -4.96 -1.89
N SER D 123 1.86 -6.12 -1.73
CA SER D 123 3.24 -6.09 -1.25
C SER D 123 4.38 -6.14 -2.28
N ARG D 124 4.06 -6.41 -3.54
CA ARG D 124 5.16 -6.68 -4.47
C ARG D 124 5.22 -5.78 -5.71
N GLU D 125 6.34 -5.07 -5.87
CA GLU D 125 6.45 -4.06 -6.93
C GLU D 125 6.35 -4.66 -8.34
N ASN D 126 7.16 -5.67 -8.61
CA ASN D 126 7.16 -6.38 -9.89
C ASN D 126 5.82 -7.07 -10.14
N ALA D 127 5.19 -6.79 -11.29
CA ALA D 127 3.89 -7.37 -11.65
C ALA D 127 3.87 -8.91 -11.64
N ILE D 128 4.99 -9.53 -11.98
CA ILE D 128 5.01 -10.98 -12.18
C ILE D 128 4.40 -11.77 -11.02
N TYR D 129 4.50 -11.21 -9.82
CA TYR D 129 3.97 -11.88 -8.62
C TYR D 129 2.44 -11.92 -8.58
N THR D 130 1.78 -10.82 -8.92
CA THR D 130 0.32 -10.78 -9.01
C THR D 130 -0.16 -11.70 -10.14
N ILE D 131 0.45 -11.49 -11.30
CA ILE D 131 0.20 -12.25 -12.53
C ILE D 131 0.40 -13.76 -12.38
N ALA D 132 1.51 -14.16 -11.76
CA ALA D 132 1.72 -15.58 -11.45
C ALA D 132 0.63 -16.10 -10.52
N ALA D 133 0.06 -15.20 -9.72
CA ALA D 133 -0.93 -15.61 -8.74
C ALA D 133 -2.29 -15.85 -9.39
N MET D 134 -2.60 -15.08 -10.45
CA MET D 134 -3.87 -15.21 -11.19
C MET D 134 -3.81 -16.11 -12.43
N ALA D 135 -2.60 -16.49 -12.81
CA ALA D 135 -2.37 -17.36 -13.96
C ALA D 135 -2.83 -18.85 -13.89
N PRO D 136 -2.63 -19.48 -12.74
CA PRO D 136 -2.92 -20.91 -12.57
C PRO D 136 -4.27 -21.25 -13.16
N CME D 137 -4.97 -20.24 -13.62
CA CME D 137 -6.23 -20.41 -14.37
CB CME D 137 -7.39 -20.57 -13.40
SG CME D 137 -8.35 -19.10 -13.28
SD CME D 137 -10.28 -19.57 -13.14
CE CME D 137 -10.92 -19.21 -14.74
CZ CME D 137 -12.19 -18.38 -14.60
OH CME D 137 -12.40 -18.02 -13.23
C CME D 137 -6.36 -19.24 -15.29
O CME D 137 -5.91 -18.12 -14.94
N PRO D 138 -6.92 -19.46 -16.47
CA PRO D 138 -7.51 -20.74 -16.82
C PRO D 138 -6.51 -21.80 -17.27
N TYR D 139 -5.21 -21.60 -17.07
CA TYR D 139 -4.29 -22.66 -17.45
C TYR D 139 -4.76 -24.03 -16.94
N ILE D 140 -5.05 -24.13 -15.65
CA ILE D 140 -5.53 -25.40 -15.08
C ILE D 140 -6.83 -25.83 -15.75
N TYR D 141 -7.78 -24.90 -15.84
CA TYR D 141 -9.07 -25.14 -16.52
C TYR D 141 -8.90 -25.69 -17.95
N ALA D 142 -7.93 -25.17 -18.70
CA ALA D 142 -7.68 -25.63 -20.05
C ALA D 142 -7.10 -27.05 -20.08
N GLU D 143 -6.02 -27.26 -19.34
CA GLU D 143 -5.38 -28.57 -19.23
C GLU D 143 -6.31 -29.69 -18.74
N LEU D 144 -7.27 -29.36 -17.88
CA LEU D 144 -8.26 -30.34 -17.46
C LEU D 144 -9.16 -30.73 -18.65
N ALA D 145 -9.71 -29.71 -19.33
CA ALA D 145 -10.49 -29.90 -20.57
C ALA D 145 -9.83 -30.78 -21.65
N LYS D 146 -8.52 -30.62 -21.86
CA LYS D 146 -7.83 -31.43 -22.87
C LYS D 146 -7.62 -32.87 -22.41
N ARG D 147 -7.43 -33.07 -21.11
CA ARG D 147 -7.34 -34.41 -20.56
C ARG D 147 -8.70 -35.11 -20.62
N SER D 148 -9.76 -34.31 -20.72
CA SER D 148 -11.12 -34.83 -20.82
C SER D 148 -11.43 -35.44 -22.20
N GLN D 149 -11.09 -34.69 -23.25
CA GLN D 149 -11.46 -35.09 -24.62
C GLN D 149 -10.77 -36.39 -25.08
N SER D 150 -9.54 -36.61 -24.62
CA SER D 150 -8.77 -37.82 -24.93
C SER D 150 -9.20 -39.02 -24.08
N ASP D 151 -9.87 -38.72 -22.96
CA ASP D 151 -10.25 -39.73 -21.96
C ASP D 151 -11.55 -40.43 -22.37
N HIS D 152 -11.52 -41.77 -22.34
CA HIS D 152 -12.64 -42.59 -22.77
C HIS D 152 -13.67 -42.84 -21.66
N LYS D 153 -13.39 -42.31 -20.46
CA LYS D 153 -14.32 -42.35 -19.34
C LYS D 153 -15.22 -41.11 -19.37
N LEU D 154 -15.04 -40.29 -20.40
CA LEU D 154 -15.82 -39.07 -20.57
C LEU D 154 -17.27 -39.35 -20.97
N ASN D 155 -18.21 -38.81 -20.21
CA ASN D 155 -19.63 -39.01 -20.51
C ASN D 155 -20.14 -37.85 -21.37
N ARG D 156 -20.44 -38.16 -22.64
CA ARG D 156 -20.85 -37.15 -23.63
C ARG D 156 -22.36 -36.99 -23.71
N GLU D 157 -23.08 -37.88 -23.03
CA GLU D 157 -24.54 -37.88 -23.06
C GLU D 157 -25.10 -36.68 -22.31
N LYS D 158 -24.47 -36.34 -21.18
CA LYS D 158 -25.01 -35.30 -20.29
C LYS D 158 -24.51 -33.90 -20.63
N ASP D 159 -25.00 -32.92 -19.87
CA ASP D 159 -24.63 -31.51 -20.04
C ASP D 159 -23.34 -31.17 -19.28
N THR D 160 -22.76 -32.18 -18.61
CA THR D 160 -21.43 -32.06 -17.99
C THR D 160 -20.30 -31.92 -19.03
N ALA D 161 -20.48 -32.54 -20.19
CA ALA D 161 -19.47 -32.50 -21.25
C ALA D 161 -19.40 -31.15 -21.99
N LYS D 162 -20.45 -30.34 -21.90
CA LYS D 162 -20.44 -29.02 -22.55
C LYS D 162 -19.60 -28.00 -21.75
N TRP D 163 -19.38 -28.32 -20.48
CA TRP D 163 -18.49 -27.54 -19.64
C TRP D 163 -17.05 -27.70 -20.14
N PHE D 164 -16.64 -28.95 -20.32
CA PHE D 164 -15.30 -29.29 -20.80
C PHE D 164 -15.00 -28.73 -22.19
N ASP D 165 -16.01 -28.68 -23.06
CA ASP D 165 -15.88 -28.09 -24.39
C ASP D 165 -15.57 -26.59 -24.33
N PHE D 166 -16.11 -25.93 -23.31
CA PHE D 166 -15.92 -24.50 -23.18
C PHE D 166 -14.47 -24.15 -22.85
N TYR D 167 -13.91 -24.82 -21.84
CA TYR D 167 -12.59 -24.49 -21.35
C TYR D 167 -11.46 -25.01 -22.23
N SER D 168 -11.78 -25.83 -23.22
CA SER D 168 -10.75 -26.31 -24.14
C SER D 168 -10.24 -25.19 -25.10
N THR D 169 -11.14 -24.28 -25.46
CA THR D 169 -10.89 -23.23 -26.47
C THR D 169 -10.85 -21.82 -25.87
N GLU D 170 -11.96 -21.41 -25.25
CA GLU D 170 -12.22 -20.03 -24.80
C GLU D 170 -11.34 -19.45 -23.66
N MET D 171 -10.57 -20.30 -22.99
CA MET D 171 -9.55 -19.81 -22.05
C MET D 171 -8.21 -19.49 -22.73
N ASP D 172 -7.99 -19.98 -23.96
CA ASP D 172 -6.64 -20.01 -24.56
C ASP D 172 -6.03 -18.63 -24.88
N ASP D 173 -6.85 -17.58 -24.92
CA ASP D 173 -6.33 -16.25 -25.24
C ASP D 173 -5.50 -15.64 -24.13
N ILE D 174 -6.09 -15.58 -22.94
CA ILE D 174 -5.51 -14.88 -21.81
C ILE D 174 -4.33 -15.68 -21.24
N ILE D 175 -4.30 -17.00 -21.53
CA ILE D 175 -3.15 -17.83 -21.15
C ILE D 175 -1.88 -17.34 -21.86
N ASN D 176 -2.02 -16.98 -23.14
CA ASN D 176 -0.90 -16.49 -23.92
C ASN D 176 -0.40 -15.11 -23.46
N VAL D 177 -1.35 -14.22 -23.19
CA VAL D 177 -1.01 -12.90 -22.67
C VAL D 177 -0.25 -12.98 -21.34
N PHE D 178 -0.77 -13.75 -20.39
CA PHE D 178 -0.09 -13.98 -19.11
C PHE D 178 1.27 -14.61 -19.32
N GLU D 179 1.34 -15.53 -20.28
CA GLU D 179 2.57 -16.25 -20.59
C GLU D 179 3.63 -15.28 -21.16
N SER D 180 3.18 -14.33 -21.99
CA SER D 180 4.08 -13.35 -22.59
C SER D 180 4.71 -12.47 -21.53
N LEU D 181 3.86 -11.91 -20.66
CA LEU D 181 4.28 -11.02 -19.58
C LEU D 181 5.24 -11.69 -18.60
N MET D 182 4.92 -12.91 -18.19
CA MET D 182 5.75 -13.63 -17.23
C MET D 182 7.08 -13.97 -17.83
N ASN D 183 7.08 -14.31 -19.11
CA ASN D 183 8.32 -14.73 -19.75
C ASN D 183 9.22 -13.55 -20.01
N LYS D 184 8.59 -12.43 -20.34
CA LYS D 184 9.28 -11.21 -20.61
C LYS D 184 9.90 -10.67 -19.34
N LEU D 185 9.15 -10.79 -18.24
CA LEU D 185 9.55 -10.23 -16.96
C LEU D 185 10.63 -11.05 -16.26
N ALA D 186 10.72 -12.33 -16.58
CA ALA D 186 11.64 -13.22 -15.87
C ALA D 186 13.05 -13.09 -16.38
N GLU D 187 13.21 -12.46 -17.55
CA GLU D 187 14.52 -12.37 -18.20
C GLU D 187 15.57 -11.69 -17.31
N SER D 188 15.16 -10.62 -16.63
CA SER D 188 16.05 -9.84 -15.79
C SER D 188 16.14 -10.30 -14.32
N MET D 189 15.21 -11.17 -13.91
CA MET D 189 15.17 -11.67 -12.54
C MET D 189 16.16 -12.80 -12.27
N SER D 190 16.58 -12.93 -11.02
CA SER D 190 17.55 -13.95 -10.64
C SER D 190 16.88 -15.30 -10.40
N ASP D 191 17.68 -16.32 -10.11
CA ASP D 191 17.13 -17.65 -9.88
C ASP D 191 16.43 -17.71 -8.54
N LYS D 192 17.02 -17.07 -7.52
CA LYS D 192 16.35 -16.97 -6.22
C LYS D 192 15.03 -16.19 -6.32
N GLU D 193 15.00 -15.07 -7.03
CA GLU D 193 13.76 -14.33 -7.23
C GLU D 193 12.71 -15.18 -7.92
N LEU D 194 13.15 -15.98 -8.89
CA LEU D 194 12.21 -16.75 -9.71
C LEU D 194 11.63 -17.93 -8.97
N GLU D 195 12.38 -18.42 -7.99
CA GLU D 195 11.85 -19.51 -7.18
C GLU D 195 10.64 -19.05 -6.38
N GLN D 196 10.66 -17.79 -5.92
CA GLN D 196 9.52 -17.24 -5.20
C GLN D 196 8.28 -17.24 -6.09
N VAL D 197 8.40 -16.63 -7.27
CA VAL D 197 7.34 -16.54 -8.26
C VAL D 197 6.70 -17.88 -8.55
N LYS D 198 7.54 -18.88 -8.78
CA LYS D 198 7.09 -20.25 -8.96
C LYS D 198 6.26 -20.72 -7.77
N GLN D 199 6.73 -20.42 -6.55
CA GLN D 199 6.00 -20.79 -5.34
C GLN D 199 4.64 -20.08 -5.29
N VAL D 200 4.64 -18.80 -5.62
CA VAL D 200 3.40 -18.03 -5.77
C VAL D 200 2.42 -18.76 -6.70
N PHE D 201 2.93 -19.26 -7.83
CA PHE D 201 2.12 -19.91 -8.88
C PHE D 201 1.53 -21.23 -8.36
N LEU D 202 2.38 -22.03 -7.75
CA LEU D 202 2.01 -23.36 -7.29
C LEU D 202 1.06 -23.31 -6.08
N GLU D 203 1.16 -22.26 -5.26
CA GLU D 203 0.24 -22.09 -4.13
C GLU D 203 -1.13 -21.86 -4.71
N SER D 204 -1.18 -21.05 -5.75
CA SER D 204 -2.44 -20.73 -6.40
C SER D 204 -3.01 -21.99 -7.03
N CYS D 205 -2.10 -22.80 -7.59
CA CYS D 205 -2.49 -24.08 -8.19
C CYS D 205 -3.23 -24.96 -7.18
N ILE D 206 -2.68 -25.09 -5.97
CA ILE D 206 -3.37 -25.71 -4.83
C ILE D 206 -4.71 -25.05 -4.50
N HIS D 207 -4.77 -23.72 -4.55
CA HIS D 207 -6.00 -23.02 -4.24
C HIS D 207 -7.14 -23.44 -5.15
N GLU D 208 -6.83 -23.73 -6.42
CA GLU D 208 -7.84 -24.27 -7.35
C GLU D 208 -8.41 -25.61 -6.90
N ARG D 209 -7.50 -26.54 -6.56
CA ARG D 209 -7.88 -27.85 -6.07
C ARG D 209 -8.73 -27.68 -4.84
N ARG D 210 -8.27 -26.83 -3.92
CA ARG D 210 -9.02 -26.53 -2.70
C ARG D 210 -10.33 -25.82 -3.00
N PHE D 211 -10.41 -25.14 -4.13
CA PHE D 211 -11.64 -24.44 -4.46
C PHE D 211 -12.74 -25.43 -4.90
N PHE D 212 -12.32 -26.52 -5.54
CA PHE D 212 -13.22 -27.56 -6.03
C PHE D 212 -13.66 -28.45 -4.89
N ASN D 213 -12.70 -28.77 -4.01
CA ASN D 213 -13.01 -29.50 -2.79
C ASN D 213 -13.91 -28.70 -1.85
N MET D 214 -13.85 -27.39 -1.96
CA MET D 214 -14.73 -26.49 -1.22
C MET D 214 -16.16 -26.64 -1.70
N ALA D 215 -16.30 -26.70 -3.02
CA ALA D 215 -17.61 -26.81 -3.64
C ALA D 215 -18.26 -28.14 -3.27
N MET D 216 -17.46 -29.21 -3.27
CA MET D 216 -17.92 -30.56 -3.00
C MET D 216 -18.29 -30.76 -1.54
N THR D 217 -17.58 -30.06 -0.64
CA THR D 217 -17.79 -30.22 0.80
C THR D 217 -18.74 -29.20 1.43
N LEU D 218 -19.32 -28.32 0.63
CA LEU D 218 -20.19 -27.26 1.18
C LEU D 218 -19.49 -26.46 2.31
N GLU D 219 -18.24 -26.04 2.04
CA GLU D 219 -17.37 -25.47 3.05
C GLU D 219 -17.81 -24.07 3.48
N GLN D 220 -17.77 -23.82 4.79
CA GLN D 220 -17.93 -22.47 5.33
C GLN D 220 -17.20 -22.30 6.69
N TRP D 221 -17.22 -21.08 7.20
CA TRP D 221 -16.66 -20.77 8.53
C TRP D 221 -17.62 -21.33 9.54
N GLU D 222 -17.11 -22.03 10.56
CA GLU D 222 -18.01 -22.48 11.60
C GLU D 222 -17.74 -21.67 12.87
N PHE D 223 -18.62 -20.69 13.13
CA PHE D 223 -18.46 -19.85 14.32
C PHE D 223 -19.36 -20.25 15.52
N GLY D 224 -20.28 -21.20 15.28
CA GLY D 224 -21.40 -21.45 16.19
C GLY D 224 -21.32 -22.72 17.04
N GLY D 225 -20.26 -23.51 16.82
CA GLY D 225 -20.07 -24.72 17.59
C GLY D 225 -19.37 -25.85 16.86
C ACT E . 23.14 -3.25 -15.45
O ACT E . 22.52 -2.61 -16.33
OXT ACT E . 22.68 -4.37 -15.16
CH3 ACT E . 24.36 -2.67 -14.78
C ACT F . 14.25 18.45 8.15
O ACT F . 13.93 17.25 7.93
OXT ACT F . 14.56 19.13 7.15
CH3 ACT F . 14.24 19.03 9.53
C1 GOL G . 16.29 33.26 1.67
O1 GOL G . 15.71 32.18 2.39
C2 GOL G . 17.35 32.73 0.68
O2 GOL G . 18.58 32.51 1.42
C3 GOL G . 17.64 33.73 -0.46
O3 GOL G . 18.83 33.27 -1.09
C ACT H . -14.85 29.44 1.25
O ACT H . -14.72 30.40 0.46
OXT ACT H . -13.94 29.29 2.11
CH3 ACT H . -16.04 28.52 1.20
C ACT I . 3.04 36.86 -11.24
O ACT I . 3.78 37.62 -11.90
OXT ACT I . 2.74 35.77 -11.80
CH3 ACT I . 2.54 37.22 -9.87
C1 GOL J . -5.77 2.06 2.20
O1 GOL J . -5.21 2.91 1.22
C2 GOL J . -5.26 2.32 3.64
O2 GOL J . -5.16 3.69 3.97
C3 GOL J . -3.93 1.62 3.91
O3 GOL J . -3.92 1.15 5.25
C1 GOL K . -0.11 -18.89 16.81
O1 GOL K . -0.54 -18.17 15.68
C2 GOL K . 1.23 -18.33 17.29
O2 GOL K . 2.21 -19.35 17.22
C3 GOL K . 1.64 -17.12 16.44
O3 GOL K . 2.38 -17.50 15.30
C1 GOL L . 8.33 -20.69 1.72
O1 GOL L . 6.95 -20.95 1.64
C2 GOL L . 8.65 -19.19 1.85
O2 GOL L . 7.49 -18.39 1.88
C3 GOL L . 9.54 -18.74 0.69
O3 GOL L . 10.89 -18.99 1.01
C ACT M . -16.87 9.05 11.55
O ACT M . -16.05 9.51 12.37
OXT ACT M . -16.82 7.82 11.36
CH3 ACT M . -17.87 9.93 10.84
C ACT N . 2.44 -12.92 21.04
O ACT N . 1.24 -12.69 21.34
OXT ACT N . 3.11 -13.52 21.91
CH3 ACT N . 3.03 -12.54 19.72
C ACT O . -11.87 -19.41 -9.93
O ACT O . -10.90 -18.69 -9.63
OXT ACT O . -11.62 -20.62 -10.13
CH3 ACT O . -13.26 -18.85 -10.08
C ACT P . -27.52 -34.46 -25.01
O ACT P . -28.13 -34.37 -23.92
OXT ACT P . -26.29 -34.26 -24.96
CH3 ACT P . -28.22 -34.80 -26.29
C ACT Q . 5.30 -2.11 -2.65
O ACT Q . 5.59 -1.12 -1.94
OXT ACT Q . 5.42 -3.21 -2.08
CH3 ACT Q . 4.84 -1.99 -4.07
#